data_7PF4
#
_entry.id   7PF4
#
_cell.length_a   1.00
_cell.length_b   1.00
_cell.length_c   1.00
_cell.angle_alpha   90.00
_cell.angle_beta   90.00
_cell.angle_gamma   90.00
#
_symmetry.space_group_name_H-M   'P 1'
#
loop_
_entity.id
_entity.type
_entity.pdbx_description
1 polymer 'Histone H3.2'
2 polymer 'Histone H4'
3 polymer 'Histone H2A type 1-B/E'
4 polymer 'Histone H2B type 1-K'
5 polymer 'DNA (167-MER)'
6 polymer 'DNA (167-MER)'
#
loop_
_entity_poly.entity_id
_entity_poly.type
_entity_poly.pdbx_seq_one_letter_code
_entity_poly.pdbx_strand_id
1 'polypeptide(L)'
;MARTKQTARKSTGGKAPRKQLATKAARKSAPATGGVKKPHRYRPGTVALREIRRYQKSTELLIRKLPFQRLVREIAQDFK
TDLRFQSSAVMALQEASEAYLVGLFEDTNLAAIHAKRVTIMPKDIQLARRIRGERA
;
K,O
2 'polypeptide(L)'
;MSGRGKGGKGLGKGGAKRHRKVLRDNIQGITKPAIRRLARRGGVKRISGLIYEETRGVLKVFLENVIRDAVTYTEHAKRK
TVTAMDVVYALKRQGRTLYGFGG
;
L,P
3 'polypeptide(L)'
;HHHHHHENLYFQSNAPWMSGRGKQGGKARAKAKTRSSRAGLQFPVGRVHRLLRKGNYSERVGAGAPVYLAAVLEYLTAEI
LELAGNAARDNKKTRIIPRHLQLAIRNDEELNKLLGRVTIAQGGVLPNIQAVLLPKKTESHHKAKGK
;
M,Q
4 'polypeptide(L)'
;MPEPAKSAPAPKKGSKKAVTKAQKKDGKKRKRSRKESYSVYVYKVLKQVHPDTGISSKAMGIMNSFVNDIFERIAGEASR
LAHYNKRSTITSREIQTAVRLLLPGELAKHAVSEGTKAVTKYTSAK
;
N,R
5 'polydeoxyribonucleotide'
;(DT)(DA)(DC)(DT)(DT)(DA)(DC)(DA)(DT)(DG)(DA)(DC)(DA)(DG)(DG)(DA)(DT)(DG)(DT)(DA)
(DT)(DA)(DT)(DA)(DT)(DC)(DT)(DG)(DA)(DC)(DA)(DC)(DG)(DT)(DG)(DC)(DC)(DT)(DG)(DG)
(DA)(DG)(DA)(DC)(DT)(DA)(DG)(DG)(DG)(DA)(DG)(DT)(DA)(DA)(DT)(DC)(DC)(DC)(DC)(DT)
(DT)(DG)(DG)(DC)(DG)(DG)(DT)(DT)(DA)(DA)(DA)(DA)(DC)(DG)(DC)(DG)(DG)(DG)(DG)(DG)
(DA)(DC)(DA)(DG)(DC)(DG)(DC)(DG)(DT)(DA)(DC)(DG)(DT)(DG)(DC)(DG)(DT)(DT)(DT)(DA)
(DA)(DG)(DC)(DG)(DG)(DT)(DG)(DC)(DT)(DA)(DG)(DA)(DG)(DC)(DT)(DG)(DT)(DC)(DT)(DA)
(DC)(DG)(DA)(DC)(DC)(DA)(DA)(DT)(DT)(DG)(DA)(DG)(DC)(DG)(DG)(DC)(DC)(DT)(DC)(DG)
(DG)(DC)(DA)(DC)(DC)(DG)(DG)(DG)(DA)(DT)(DT)(DC)(DT)(DC)(DC)(DA)(DG)(DG)(DC)(DG)
(DG)(DC)(DC)(DA)(DG)(DT)(DG)
;
J
6 'polydeoxyribonucleotide'
;(DC)(DA)(DC)(DT)(DG)(DG)(DC)(DC)(DG)(DC)(DC)(DT)(DG)(DG)(DA)(DG)(DA)(DA)(DT)(DC)
(DC)(DC)(DG)(DG)(DT)(DG)(DC)(DC)(DG)(DA)(DG)(DG)(DC)(DC)(DG)(DC)(DT)(DC)(DA)(DA)
(DT)(DT)(DG)(DG)(DT)(DC)(DG)(DT)(DA)(DG)(DA)(DC)(DA)(DG)(DC)(DT)(DC)(DT)(DA)(DG)
(DC)(DA)(DC)(DC)(DG)(DC)(DT)(DT)(DA)(DA)(DA)(DC)(DG)(DC)(DA)(DC)(DG)(DT)(DA)(DC)
(DG)(DC)(DG)(DC)(DT)(DG)(DT)(DC)(DC)(DC)(DC)(DC)(DG)(DC)(DG)(DT)(DT)(DT)(DT)(DA)
(DA)(DC)(DC)(DG)(DC)(DC)(DA)(DA)(DG)(DG)(DG)(DG)(DA)(DT)(DT)(DA)(DC)(DT)(DC)(DC)
(DC)(DT)(DA)(DG)(DT)(DC)(DT)(DC)(DC)(DA)(DG)(DG)(DC)(DA)(DC)(DG)(DT)(DG)(DT)(DC)
(DA)(DG)(DA)(DT)(DA)(DT)(DA)(DT)(DA)(DC)(DA)(DT)(DC)(DC)(DT)(DG)(DT)(DC)(DA)(DT)
(DG)(DT)(DA)(DA)(DG)(DT)(DA)
;
I
#
loop_
_chem_comp.id
_chem_comp.type
_chem_comp.name
_chem_comp.formula
DA DNA linking 2'-DEOXYADENOSINE-5'-MONOPHOSPHATE 'C10 H14 N5 O6 P'
DC DNA linking 2'-DEOXYCYTIDINE-5'-MONOPHOSPHATE 'C9 H14 N3 O7 P'
DG DNA linking 2'-DEOXYGUANOSINE-5'-MONOPHOSPHATE 'C10 H14 N5 O7 P'
DT DNA linking THYMIDINE-5'-MONOPHOSPHATE 'C10 H15 N2 O8 P'
#
# COMPACT_ATOMS: atom_id res chain seq x y z
N LYS A 38 -20.66 -36.05 -39.73
CA LYS A 38 -20.34 -35.70 -38.36
C LYS A 38 -20.89 -34.33 -37.99
N PRO A 39 -21.32 -34.16 -36.75
CA PRO A 39 -21.83 -32.85 -36.31
C PRO A 39 -20.70 -31.84 -36.14
N HIS A 40 -21.10 -30.58 -36.01
CA HIS A 40 -20.13 -29.49 -35.92
C HIS A 40 -19.45 -29.50 -34.56
N ARG A 41 -18.12 -29.34 -34.58
CA ARG A 41 -17.31 -29.36 -33.35
C ARG A 41 -15.99 -28.68 -33.64
N TYR A 42 -15.60 -27.75 -32.76
CA TYR A 42 -14.36 -27.01 -32.96
C TYR A 42 -13.17 -27.73 -32.32
N ARG A 43 -11.97 -27.30 -32.71
CA ARG A 43 -10.75 -27.76 -32.07
C ARG A 43 -10.64 -27.17 -30.66
N PRO A 44 -9.92 -27.82 -29.74
CA PRO A 44 -9.87 -27.35 -28.36
C PRO A 44 -9.19 -25.99 -28.23
N GLY A 45 -9.88 -25.06 -27.58
CA GLY A 45 -9.36 -23.74 -27.31
C GLY A 45 -9.90 -22.65 -28.21
N THR A 46 -10.41 -23.00 -29.39
CA THR A 46 -11.03 -22.00 -30.25
C THR A 46 -12.31 -21.45 -29.61
N VAL A 47 -13.11 -22.34 -29.01
CA VAL A 47 -14.25 -21.89 -28.23
C VAL A 47 -13.77 -21.15 -26.99
N ALA A 48 -12.61 -21.53 -26.45
CA ALA A 48 -12.02 -20.75 -25.35
C ALA A 48 -11.57 -19.37 -25.84
N LEU A 49 -11.09 -19.27 -27.09
CA LEU A 49 -10.78 -17.96 -27.66
C LEU A 49 -12.03 -17.10 -27.75
N ARG A 50 -13.13 -17.68 -28.23
CA ARG A 50 -14.40 -16.97 -28.31
C ARG A 50 -14.91 -16.56 -26.93
N GLU A 51 -14.76 -17.45 -25.94
CA GLU A 51 -15.17 -17.16 -24.58
C GLU A 51 -14.38 -16.01 -23.98
N ILE A 52 -13.04 -16.03 -24.14
CA ILE A 52 -12.22 -14.95 -23.62
C ILE A 52 -12.57 -13.63 -24.29
N ARG A 53 -12.70 -13.64 -25.61
CA ARG A 53 -13.00 -12.39 -26.32
C ARG A 53 -14.37 -11.84 -25.94
N ARG A 54 -15.37 -12.72 -25.84
CA ARG A 54 -16.72 -12.32 -25.48
C ARG A 54 -16.75 -11.77 -24.07
N TYR A 55 -16.01 -12.39 -23.15
CA TYR A 55 -16.11 -11.99 -21.76
C TYR A 55 -15.20 -10.81 -21.41
N GLN A 56 -14.13 -10.57 -22.18
CA GLN A 56 -13.46 -9.29 -22.02
C GLN A 56 -14.27 -8.16 -22.64
N LYS A 57 -15.02 -8.44 -23.72
CA LYS A 57 -15.95 -7.44 -24.23
C LYS A 57 -17.11 -7.24 -23.26
N SER A 58 -17.44 -8.27 -22.49
CA SER A 58 -18.56 -8.24 -21.58
C SER A 58 -18.32 -7.30 -20.42
N THR A 59 -19.40 -6.66 -19.97
CA THR A 59 -19.40 -5.91 -18.72
C THR A 59 -20.41 -6.45 -17.72
N GLU A 60 -21.27 -7.38 -18.12
CA GLU A 60 -22.27 -7.90 -17.20
C GLU A 60 -21.65 -8.89 -16.22
N LEU A 61 -22.45 -9.27 -15.22
CA LEU A 61 -21.94 -9.99 -14.07
C LEU A 61 -21.68 -11.45 -14.42
N LEU A 62 -20.58 -11.99 -13.90
CA LEU A 62 -20.20 -13.37 -14.23
C LEU A 62 -20.69 -14.39 -13.23
N ILE A 63 -20.84 -14.04 -11.98
CA ILE A 63 -21.28 -14.98 -10.96
C ILE A 63 -22.75 -14.74 -10.65
N ARG A 64 -23.41 -15.80 -10.18
CA ARG A 64 -24.83 -15.71 -9.84
C ARG A 64 -25.02 -14.81 -8.62
N LYS A 65 -26.15 -14.10 -8.59
CA LYS A 65 -26.41 -13.16 -7.50
C LYS A 65 -26.85 -13.89 -6.23
N LEU A 66 -27.85 -14.77 -6.34
CA LEU A 66 -28.48 -15.34 -5.15
C LEU A 66 -27.55 -16.22 -4.32
N PRO A 67 -26.79 -17.19 -4.90
CA PRO A 67 -25.85 -17.92 -4.04
C PRO A 67 -24.70 -17.07 -3.53
N PHE A 68 -24.32 -16.00 -4.24
CA PHE A 68 -23.30 -15.13 -3.69
C PHE A 68 -23.79 -14.40 -2.45
N GLN A 69 -25.02 -13.86 -2.50
CA GLN A 69 -25.58 -13.21 -1.32
C GLN A 69 -25.76 -14.20 -0.18
N ARG A 70 -26.16 -15.42 -0.51
CA ARG A 70 -26.35 -16.43 0.51
C ARG A 70 -25.01 -16.89 1.08
N LEU A 71 -23.95 -16.86 0.28
CA LEU A 71 -22.60 -17.16 0.78
C LEU A 71 -22.09 -16.06 1.70
N VAL A 72 -22.36 -14.80 1.35
CA VAL A 72 -21.99 -13.69 2.23
C VAL A 72 -22.72 -13.81 3.55
N ARG A 73 -24.00 -14.19 3.51
CA ARG A 73 -24.76 -14.44 4.73
C ARG A 73 -24.19 -15.62 5.52
N GLU A 74 -23.76 -16.67 4.82
CA GLU A 74 -23.18 -17.85 5.46
C GLU A 74 -21.89 -17.50 6.18
N ILE A 75 -21.05 -16.68 5.55
CA ILE A 75 -19.81 -16.26 6.18
C ILE A 75 -20.11 -15.31 7.34
N ALA A 76 -21.10 -14.44 7.15
CA ALA A 76 -21.40 -13.40 8.13
C ALA A 76 -21.95 -13.97 9.43
N GLN A 77 -22.80 -15.01 9.35
CA GLN A 77 -23.35 -15.57 10.58
C GLN A 77 -22.29 -16.24 11.44
N ASP A 78 -21.19 -16.68 10.82
CA ASP A 78 -20.05 -17.20 11.55
C ASP A 78 -19.36 -16.13 12.39
N PHE A 79 -19.46 -14.86 11.98
CA PHE A 79 -18.78 -13.77 12.66
C PHE A 79 -19.74 -12.96 13.52
N LYS A 80 -20.97 -12.76 13.05
CA LYS A 80 -22.01 -12.14 13.86
C LYS A 80 -23.36 -12.58 13.34
N THR A 81 -24.19 -13.11 14.25
CA THR A 81 -25.50 -13.61 13.86
C THR A 81 -26.47 -12.46 13.62
N ASP A 82 -27.58 -12.79 12.95
CA ASP A 82 -28.66 -11.87 12.58
C ASP A 82 -28.15 -10.67 11.79
N LEU A 83 -27.23 -10.88 10.86
CA LEU A 83 -26.66 -9.76 10.11
C LEU A 83 -27.33 -9.64 8.76
N ARG A 84 -27.67 -8.41 8.38
CA ARG A 84 -28.42 -8.12 7.17
C ARG A 84 -27.58 -7.30 6.20
N PHE A 85 -27.99 -7.31 4.94
CA PHE A 85 -27.26 -6.65 3.86
C PHE A 85 -28.23 -5.94 2.94
N GLN A 86 -27.92 -4.69 2.58
CA GLN A 86 -28.56 -4.11 1.41
C GLN A 86 -28.09 -4.81 0.15
N SER A 87 -28.91 -4.71 -0.90
CA SER A 87 -28.52 -5.27 -2.19
C SER A 87 -27.26 -4.58 -2.73
N SER A 88 -27.12 -3.28 -2.45
CA SER A 88 -25.95 -2.54 -2.92
C SER A 88 -24.67 -3.02 -2.26
N ALA A 89 -24.72 -3.38 -0.98
CA ALA A 89 -23.52 -3.93 -0.33
C ALA A 89 -23.15 -5.28 -0.90
N VAL A 90 -24.16 -6.09 -1.26
CA VAL A 90 -23.89 -7.35 -1.94
C VAL A 90 -23.28 -7.08 -3.31
N MET A 91 -23.76 -6.04 -4.02
CA MET A 91 -23.14 -5.64 -5.28
C MET A 91 -21.68 -5.22 -5.09
N ALA A 92 -21.39 -4.49 -4.02
CA ALA A 92 -20.04 -4.00 -3.82
C ALA A 92 -19.08 -5.13 -3.46
N LEU A 93 -19.49 -6.03 -2.56
CA LEU A 93 -18.71 -7.24 -2.30
C LEU A 93 -18.56 -8.08 -3.56
N GLN A 94 -19.59 -8.11 -4.39
CA GLN A 94 -19.52 -8.88 -5.63
C GLN A 94 -18.47 -8.30 -6.57
N GLU A 95 -18.54 -7.00 -6.84
CA GLU A 95 -17.56 -6.33 -7.69
C GLU A 95 -16.14 -6.50 -7.15
N ALA A 96 -15.98 -6.43 -5.84
CA ALA A 96 -14.68 -6.74 -5.25
C ALA A 96 -14.28 -8.19 -5.49
N SER A 97 -15.26 -9.10 -5.55
CA SER A 97 -14.93 -10.51 -5.74
C SER A 97 -14.40 -10.79 -7.14
N GLU A 98 -15.10 -10.33 -8.20
CA GLU A 98 -14.45 -10.48 -9.52
C GLU A 98 -13.20 -9.62 -9.65
N ALA A 99 -13.11 -8.49 -8.94
CA ALA A 99 -11.91 -7.67 -9.05
C ALA A 99 -10.68 -8.42 -8.54
N TYR A 100 -10.76 -8.93 -7.30
CA TYR A 100 -9.65 -9.65 -6.69
C TYR A 100 -9.37 -10.94 -7.45
N LEU A 101 -10.42 -11.70 -7.76
CA LEU A 101 -10.22 -12.99 -8.43
C LEU A 101 -9.62 -12.81 -9.82
N VAL A 102 -10.17 -11.89 -10.61
CA VAL A 102 -9.71 -11.69 -11.98
C VAL A 102 -8.26 -11.21 -11.99
N GLY A 103 -7.92 -10.26 -11.10
CA GLY A 103 -6.54 -9.82 -10.99
C GLY A 103 -5.59 -10.94 -10.63
N LEU A 104 -6.03 -11.83 -9.74
CA LEU A 104 -5.25 -13.04 -9.49
C LEU A 104 -5.14 -13.92 -10.72
N PHE A 105 -6.14 -13.91 -11.62
CA PHE A 105 -5.94 -14.71 -12.83
C PHE A 105 -5.01 -14.05 -13.84
N GLU A 106 -4.91 -12.71 -13.92
CA GLU A 106 -3.84 -12.19 -14.80
C GLU A 106 -2.47 -12.51 -14.21
N ASP A 107 -2.35 -12.47 -12.87
CA ASP A 107 -1.10 -12.91 -12.25
C ASP A 107 -0.83 -14.39 -12.53
N THR A 108 -1.90 -15.20 -12.53
CA THR A 108 -1.79 -16.62 -12.83
C THR A 108 -1.36 -16.87 -14.28
N ASN A 109 -1.90 -16.09 -15.22
CA ASN A 109 -1.46 -16.23 -16.61
C ASN A 109 0.00 -15.82 -16.79
N LEU A 110 0.44 -14.78 -16.08
CA LEU A 110 1.87 -14.42 -16.13
C LEU A 110 2.73 -15.57 -15.63
N ALA A 111 2.33 -16.19 -14.52
CA ALA A 111 3.06 -17.34 -13.99
C ALA A 111 3.03 -18.51 -14.96
N ALA A 112 1.88 -18.76 -15.59
CA ALA A 112 1.73 -19.93 -16.45
C ALA A 112 2.52 -19.78 -17.74
N ILE A 113 2.53 -18.58 -18.33
CA ILE A 113 3.33 -18.39 -19.54
C ILE A 113 4.80 -18.38 -19.19
N HIS A 114 5.14 -18.04 -17.93
CA HIS A 114 6.52 -18.12 -17.52
C HIS A 114 7.02 -19.55 -17.49
N ALA A 115 6.17 -20.49 -17.09
CA ALA A 115 6.53 -21.90 -17.05
C ALA A 115 6.31 -22.61 -18.39
N LYS A 116 6.17 -21.85 -19.48
CA LYS A 116 5.98 -22.36 -20.84
C LYS A 116 4.73 -23.23 -20.99
N ARG A 117 3.74 -23.03 -20.13
CA ARG A 117 2.52 -23.83 -20.17
C ARG A 117 1.32 -22.95 -20.50
N VAL A 118 0.30 -23.59 -21.07
CA VAL A 118 -1.00 -22.97 -21.27
C VAL A 118 -2.03 -23.41 -20.25
N THR A 119 -1.71 -24.45 -19.46
CA THR A 119 -2.61 -24.95 -18.42
C THR A 119 -2.13 -24.44 -17.08
N ILE A 120 -3.01 -23.81 -16.32
CA ILE A 120 -2.61 -23.26 -15.03
C ILE A 120 -2.65 -24.35 -13.97
N MET A 121 -1.86 -24.16 -12.93
CA MET A 121 -1.69 -25.12 -11.85
C MET A 121 -1.83 -24.35 -10.55
N PRO A 122 -2.17 -25.03 -9.43
CA PRO A 122 -2.35 -24.31 -8.16
C PRO A 122 -1.14 -23.51 -7.71
N LYS A 123 0.05 -24.07 -7.92
CA LYS A 123 1.29 -23.45 -7.49
C LYS A 123 1.49 -22.08 -8.16
N ASP A 124 0.88 -21.88 -9.34
CA ASP A 124 0.82 -20.54 -9.91
C ASP A 124 0.07 -19.59 -9.01
N ILE A 125 -1.06 -20.04 -8.44
CA ILE A 125 -1.86 -19.17 -7.59
C ILE A 125 -1.15 -18.83 -6.29
N GLN A 126 -0.64 -19.83 -5.54
CA GLN A 126 0.01 -19.44 -4.29
C GLN A 126 1.36 -18.77 -4.53
N LEU A 127 2.01 -19.04 -5.67
CA LEU A 127 3.24 -18.32 -6.02
C LEU A 127 2.94 -16.86 -6.27
N ALA A 128 1.87 -16.56 -7.02
CA ALA A 128 1.51 -15.18 -7.28
C ALA A 128 1.06 -14.47 -6.01
N ARG A 129 0.36 -15.20 -5.14
CA ARG A 129 -0.04 -14.65 -3.86
C ARG A 129 1.16 -14.36 -2.96
N ARG A 130 2.17 -15.22 -3.00
CA ARG A 130 3.32 -15.07 -2.12
C ARG A 130 4.26 -13.98 -2.64
N ILE A 131 4.39 -13.86 -3.97
CA ILE A 131 5.16 -12.75 -4.53
C ILE A 131 4.42 -11.44 -4.32
N ARG A 132 3.09 -11.47 -4.40
CA ARG A 132 2.28 -10.28 -4.13
C ARG A 132 2.44 -9.78 -2.70
N GLY A 133 2.75 -10.68 -1.77
CA GLY A 133 3.12 -10.24 -0.43
C GLY A 133 2.10 -10.47 0.65
N GLU A 134 1.57 -11.69 0.77
CA GLU A 134 0.67 -12.00 1.88
C GLU A 134 1.45 -12.64 3.03
N LYS B 21 -32.57 -21.09 8.06
CA LYS B 21 -31.89 -19.93 8.66
C LYS B 21 -30.37 -20.13 8.69
N VAL B 22 -29.93 -21.13 9.45
CA VAL B 22 -28.50 -21.40 9.57
C VAL B 22 -28.04 -22.13 8.32
N LEU B 23 -26.82 -21.81 7.87
CA LEU B 23 -26.24 -22.36 6.65
C LEU B 23 -24.96 -23.13 6.98
N ARG B 24 -24.67 -24.18 6.20
CA ARG B 24 -23.39 -24.85 6.29
C ARG B 24 -22.46 -24.57 5.12
N ASP B 25 -22.85 -24.92 3.91
CA ASP B 25 -21.92 -25.32 2.85
C ASP B 25 -22.28 -24.66 1.52
N ASN B 26 -22.45 -23.34 1.54
CA ASN B 26 -22.89 -22.62 0.35
C ASN B 26 -21.70 -22.14 -0.51
N ILE B 27 -20.46 -22.41 -0.09
CA ILE B 27 -19.28 -22.04 -0.90
C ILE B 27 -19.26 -22.78 -2.24
N GLN B 28 -19.98 -23.88 -2.36
CA GLN B 28 -20.18 -24.50 -3.66
C GLN B 28 -21.17 -23.73 -4.53
N GLY B 29 -21.87 -22.75 -3.97
CA GLY B 29 -22.74 -21.88 -4.75
C GLY B 29 -22.02 -21.00 -5.75
N ILE B 30 -20.75 -20.66 -5.49
CA ILE B 30 -19.88 -20.14 -6.54
C ILE B 30 -19.53 -21.36 -7.38
N THR B 31 -20.26 -21.52 -8.47
CA THR B 31 -20.20 -22.74 -9.26
C THR B 31 -18.86 -22.85 -9.99
N LYS B 32 -18.56 -24.06 -10.42
CA LYS B 32 -17.39 -24.28 -11.27
C LYS B 32 -17.46 -23.48 -12.57
N PRO B 33 -18.58 -23.44 -13.34
CA PRO B 33 -18.61 -22.53 -14.50
C PRO B 33 -18.50 -21.06 -14.16
N ALA B 34 -18.90 -20.65 -12.94
CA ALA B 34 -18.64 -19.28 -12.53
C ALA B 34 -17.15 -18.99 -12.44
N ILE B 35 -16.38 -19.95 -11.91
CA ILE B 35 -14.93 -19.80 -11.87
C ILE B 35 -14.36 -19.81 -13.28
N ARG B 36 -14.92 -20.65 -14.16
CA ARG B 36 -14.49 -20.67 -15.55
C ARG B 36 -14.70 -19.34 -16.23
N ARG B 37 -15.87 -18.72 -16.03
CA ARG B 37 -16.15 -17.42 -16.64
C ARG B 37 -15.28 -16.33 -16.04
N LEU B 38 -15.01 -16.42 -14.73
CA LEU B 38 -14.08 -15.49 -14.09
C LEU B 38 -12.69 -15.56 -14.70
N ALA B 39 -12.21 -16.79 -14.94
CA ALA B 39 -10.90 -16.94 -15.54
C ALA B 39 -10.90 -16.56 -17.02
N ARG B 40 -12.04 -16.72 -17.70
CA ARG B 40 -12.16 -16.23 -19.07
C ARG B 40 -12.06 -14.71 -19.12
N ARG B 41 -12.62 -14.03 -18.12
CA ARG B 41 -12.41 -12.58 -18.05
C ARG B 41 -10.94 -12.27 -17.76
N GLY B 42 -10.27 -13.12 -17.00
CA GLY B 42 -8.86 -12.94 -16.76
C GLY B 42 -7.94 -13.38 -17.88
N GLY B 43 -8.48 -13.89 -18.98
CA GLY B 43 -7.64 -14.33 -20.07
C GLY B 43 -6.94 -15.65 -19.85
N VAL B 44 -7.63 -16.64 -19.30
CA VAL B 44 -7.02 -17.94 -19.03
C VAL B 44 -7.32 -18.89 -20.17
N LYS B 45 -6.27 -19.53 -20.71
CA LYS B 45 -6.44 -20.57 -21.72
C LYS B 45 -7.08 -21.82 -21.14
N ARG B 46 -6.43 -22.46 -20.17
CA ARG B 46 -6.85 -23.75 -19.68
C ARG B 46 -6.88 -23.74 -18.15
N ILE B 47 -7.97 -24.23 -17.59
CA ILE B 47 -8.19 -24.25 -16.15
C ILE B 47 -8.23 -25.69 -15.73
N SER B 48 -7.26 -26.12 -14.92
CA SER B 48 -7.21 -27.50 -14.51
C SER B 48 -8.34 -27.82 -13.53
N GLY B 49 -8.65 -29.10 -13.41
CA GLY B 49 -9.73 -29.53 -12.54
C GLY B 49 -9.42 -29.39 -11.06
N LEU B 50 -8.14 -29.35 -10.71
CA LEU B 50 -7.74 -29.10 -9.34
C LEU B 50 -7.99 -27.65 -8.92
N ILE B 51 -8.08 -26.74 -9.89
CA ILE B 51 -7.95 -25.30 -9.63
C ILE B 51 -9.11 -24.75 -8.82
N TYR B 52 -10.32 -25.27 -9.06
CA TYR B 52 -11.54 -24.69 -8.51
C TYR B 52 -11.54 -24.73 -6.99
N GLU B 53 -10.89 -25.74 -6.41
CA GLU B 53 -10.84 -25.87 -4.95
C GLU B 53 -10.04 -24.75 -4.29
N GLU B 54 -8.82 -24.48 -4.77
CA GLU B 54 -8.06 -23.43 -4.10
C GLU B 54 -8.55 -22.05 -4.53
N THR B 55 -9.21 -21.94 -5.69
CA THR B 55 -9.86 -20.66 -5.98
C THR B 55 -10.99 -20.39 -5.00
N ARG B 56 -11.77 -21.43 -4.67
CA ARG B 56 -12.78 -21.28 -3.63
C ARG B 56 -12.15 -20.97 -2.28
N GLY B 57 -11.00 -21.59 -1.99
CA GLY B 57 -10.31 -21.29 -0.74
C GLY B 57 -9.77 -19.88 -0.67
N VAL B 58 -9.22 -19.38 -1.78
CA VAL B 58 -8.71 -18.01 -1.83
C VAL B 58 -9.86 -17.02 -1.72
N LEU B 59 -10.97 -17.32 -2.39
CA LEU B 59 -12.16 -16.48 -2.26
C LEU B 59 -12.70 -16.51 -0.83
N LYS B 60 -12.64 -17.68 -0.20
CA LYS B 60 -13.00 -17.82 1.21
C LYS B 60 -12.16 -16.91 2.08
N VAL B 61 -10.84 -16.94 1.88
CA VAL B 61 -9.91 -16.17 2.70
C VAL B 61 -10.13 -14.68 2.48
N PHE B 62 -10.24 -14.27 1.21
CA PHE B 62 -10.36 -12.86 0.88
C PHE B 62 -11.67 -12.29 1.38
N LEU B 63 -12.80 -12.97 1.11
CA LEU B 63 -14.08 -12.49 1.61
C LEU B 63 -14.14 -12.54 3.12
N GLU B 64 -13.45 -13.51 3.73
CA GLU B 64 -13.39 -13.57 5.19
C GLU B 64 -12.70 -12.35 5.75
N ASN B 65 -11.57 -11.95 5.16
CA ASN B 65 -10.86 -10.76 5.59
C ASN B 65 -11.71 -9.50 5.38
N VAL B 66 -12.32 -9.39 4.20
CA VAL B 66 -13.10 -8.20 3.85
C VAL B 66 -14.32 -8.06 4.76
N ILE B 67 -15.03 -9.16 5.01
CA ILE B 67 -16.24 -9.04 5.80
C ILE B 67 -15.89 -8.98 7.28
N ARG B 68 -14.70 -9.46 7.67
CA ARG B 68 -14.24 -9.24 9.04
C ARG B 68 -14.01 -7.76 9.29
N ASP B 69 -13.33 -7.10 8.36
CA ASP B 69 -13.18 -5.66 8.41
C ASP B 69 -14.54 -4.96 8.42
N ALA B 70 -15.44 -5.38 7.52
CA ALA B 70 -16.73 -4.70 7.38
C ALA B 70 -17.62 -4.89 8.60
N VAL B 71 -17.61 -6.10 9.17
CA VAL B 71 -18.34 -6.37 10.40
C VAL B 71 -17.77 -5.55 11.54
N THR B 72 -16.46 -5.37 11.58
CA THR B 72 -15.87 -4.50 12.60
C THR B 72 -16.29 -3.04 12.39
N TYR B 73 -16.39 -2.60 11.14
CA TYR B 73 -16.90 -1.25 10.84
C TYR B 73 -18.34 -1.09 11.32
N THR B 74 -19.21 -2.05 10.99
CA THR B 74 -20.62 -1.95 11.36
C THR B 74 -20.81 -2.03 12.86
N GLU B 75 -20.06 -2.92 13.52
CA GLU B 75 -20.16 -3.05 14.96
C GLU B 75 -19.59 -1.81 15.65
N HIS B 76 -18.66 -1.11 15.00
CA HIS B 76 -18.27 0.20 15.49
C HIS B 76 -19.42 1.19 15.43
N ALA B 77 -20.20 1.15 14.35
CA ALA B 77 -21.31 2.08 14.20
C ALA B 77 -22.56 1.62 14.94
N LYS B 78 -22.51 0.48 15.63
CA LYS B 78 -23.61 -0.06 16.43
C LYS B 78 -24.85 -0.31 15.58
N ARG B 79 -24.65 -0.73 14.34
CA ARG B 79 -25.73 -1.15 13.46
C ARG B 79 -25.78 -2.67 13.33
N LYS B 80 -26.81 -3.15 12.63
CA LYS B 80 -26.97 -4.57 12.37
C LYS B 80 -27.08 -4.89 10.89
N THR B 81 -26.92 -3.90 10.01
CA THR B 81 -26.95 -4.11 8.58
C THR B 81 -25.65 -3.62 7.96
N VAL B 82 -24.96 -4.50 7.23
CA VAL B 82 -23.75 -4.10 6.53
C VAL B 82 -24.11 -3.29 5.30
N THR B 83 -23.60 -2.07 5.23
CA THR B 83 -23.82 -1.17 4.10
C THR B 83 -22.65 -1.23 3.13
N ALA B 84 -22.88 -0.71 1.92
CA ALA B 84 -21.82 -0.65 0.93
C ALA B 84 -20.76 0.38 1.29
N MET B 85 -21.13 1.36 2.13
CA MET B 85 -20.15 2.33 2.64
C MET B 85 -19.03 1.64 3.39
N ASP B 86 -19.37 0.78 4.35
CA ASP B 86 -18.36 0.09 5.13
C ASP B 86 -17.63 -0.95 4.29
N VAL B 87 -18.31 -1.49 3.27
CA VAL B 87 -17.66 -2.40 2.33
C VAL B 87 -16.53 -1.70 1.59
N VAL B 88 -16.79 -0.51 1.03
CA VAL B 88 -15.76 0.16 0.26
C VAL B 88 -14.70 0.73 1.19
N TYR B 89 -15.05 1.01 2.45
CA TYR B 89 -14.03 1.38 3.43
C TYR B 89 -13.10 0.19 3.72
N ALA B 90 -13.67 -1.02 3.83
CA ALA B 90 -12.87 -2.21 4.06
C ALA B 90 -11.97 -2.50 2.87
N LEU B 91 -12.47 -2.23 1.66
CA LEU B 91 -11.64 -2.40 0.47
C LEU B 91 -10.55 -1.33 0.41
N LYS B 92 -10.83 -0.14 0.94
CA LYS B 92 -9.81 0.90 0.97
C LYS B 92 -8.73 0.58 1.99
N ARG B 93 -9.10 -0.09 3.09
CA ARG B 93 -8.12 -0.53 4.07
C ARG B 93 -7.14 -1.55 3.49
N GLN B 94 -7.58 -2.43 2.60
CA GLN B 94 -6.76 -3.52 2.11
C GLN B 94 -5.93 -3.09 0.90
N GLY B 95 -6.10 -1.86 0.42
CA GLY B 95 -5.43 -1.44 -0.78
C GLY B 95 -6.08 -1.94 -2.04
N ARG B 96 -7.39 -2.20 -2.00
CA ARG B 96 -8.19 -2.61 -3.15
C ARG B 96 -9.40 -1.71 -3.28
N THR B 97 -9.16 -0.39 -3.25
CA THR B 97 -10.23 0.60 -3.24
C THR B 97 -11.05 0.52 -4.51
N LEU B 98 -12.38 0.51 -4.35
CA LEU B 98 -13.30 0.21 -5.44
C LEU B 98 -14.04 1.48 -5.81
N TYR B 99 -14.17 1.73 -7.11
CA TYR B 99 -14.88 2.88 -7.61
C TYR B 99 -16.31 2.51 -7.96
N GLY B 100 -17.26 3.34 -7.52
CA GLY B 100 -18.63 3.26 -8.00
C GLY B 100 -19.69 2.91 -6.98
N PHE B 101 -19.38 2.97 -5.69
CA PHE B 101 -20.39 2.69 -4.66
C PHE B 101 -20.29 3.68 -3.52
N GLY B 102 -20.20 4.97 -3.86
CA GLY B 102 -20.39 6.02 -2.89
C GLY B 102 -19.27 6.21 -1.89
N GLY B 103 -18.07 5.72 -2.17
CA GLY B 103 -16.95 5.87 -1.26
C GLY B 103 -16.49 7.31 -1.10
N ALA C 28 -1.74 23.64 48.15
CA ALA C 28 -2.60 22.56 48.61
C ALA C 28 -2.95 21.62 47.46
N ARG C 29 -2.22 21.76 46.36
CA ARG C 29 -2.44 20.91 45.20
C ARG C 29 -1.98 19.49 45.48
N ALA C 30 -2.64 18.53 44.84
CA ALA C 30 -2.30 17.12 45.03
C ALA C 30 -0.95 16.81 44.39
N LYS C 31 -0.37 15.69 44.81
CA LYS C 31 0.91 15.25 44.28
C LYS C 31 0.75 14.84 42.83
N ALA C 32 1.72 15.23 42.00
CA ALA C 32 1.68 14.91 40.57
C ALA C 32 2.03 13.44 40.37
N LYS C 33 1.02 12.60 40.20
CA LYS C 33 1.22 11.19 39.97
C LYS C 33 0.89 10.92 38.50
N THR C 34 1.45 9.87 37.92
CA THR C 34 1.50 9.76 36.46
C THR C 34 0.40 8.85 35.95
N ARG C 35 -0.04 9.14 34.72
CA ARG C 35 -1.15 8.40 34.11
C ARG C 35 -0.73 7.00 33.69
N SER C 36 0.53 6.81 33.30
CA SER C 36 1.01 5.48 32.96
C SER C 36 1.03 4.56 34.18
N SER C 37 1.39 5.11 35.34
CA SER C 37 1.29 4.37 36.58
C SER C 37 -0.17 4.14 36.98
N ARG C 38 -1.06 5.05 36.59
CA ARG C 38 -2.49 4.82 36.78
C ARG C 38 -2.97 3.66 35.94
N ALA C 39 -2.41 3.52 34.74
CA ALA C 39 -2.65 2.35 33.91
C ALA C 39 -1.80 1.16 34.32
N GLY C 40 -0.82 1.36 35.20
CA GLY C 40 0.16 0.33 35.46
C GLY C 40 1.07 0.07 34.29
N LEU C 41 1.25 1.05 33.41
CA LEU C 41 2.03 0.89 32.20
C LEU C 41 3.28 1.76 32.28
N GLN C 42 4.17 1.54 31.31
CA GLN C 42 5.38 2.34 31.20
C GLN C 42 5.38 3.24 29.97
N PHE C 43 4.77 2.81 28.87
CA PHE C 43 4.59 3.69 27.73
C PHE C 43 3.66 4.85 28.08
N PRO C 44 4.02 6.07 27.70
CA PRO C 44 3.32 7.28 28.16
C PRO C 44 1.89 7.35 27.66
N VAL C 45 0.98 7.65 28.58
CA VAL C 45 -0.28 8.25 28.17
C VAL C 45 -0.03 9.65 27.65
N GLY C 46 0.93 10.35 28.26
CA GLY C 46 1.17 11.75 27.92
C GLY C 46 1.71 11.96 26.52
N ARG C 47 2.79 11.26 26.17
CA ARG C 47 3.39 11.47 24.84
C ARG C 47 2.49 10.93 23.74
N VAL C 48 1.82 9.80 23.97
CA VAL C 48 0.90 9.27 22.97
C VAL C 48 -0.28 10.21 22.77
N HIS C 49 -0.82 10.75 23.87
CA HIS C 49 -1.92 11.71 23.78
C HIS C 49 -1.50 12.99 23.07
N ARG C 50 -0.29 13.48 23.37
CA ARG C 50 0.20 14.69 22.72
C ARG C 50 0.45 14.47 21.23
N LEU C 51 1.00 13.31 20.87
CA LEU C 51 1.25 13.02 19.47
C LEU C 51 -0.04 12.75 18.71
N LEU C 52 -1.08 12.29 19.42
CA LEU C 52 -2.39 12.16 18.79
C LEU C 52 -3.03 13.52 18.55
N ARG C 53 -2.94 14.42 19.55
CA ARG C 53 -3.53 15.74 19.41
C ARG C 53 -2.83 16.56 18.35
N LYS C 54 -1.50 16.54 18.34
CA LYS C 54 -0.73 17.29 17.37
C LYS C 54 -0.48 16.52 16.08
N GLY C 55 -0.90 15.27 16.00
CA GLY C 55 -0.87 14.57 14.75
C GLY C 55 -2.04 14.88 13.84
N ASN C 56 -3.02 15.62 14.35
CA ASN C 56 -4.22 16.06 13.62
C ASN C 56 -4.98 14.87 13.03
N TYR C 57 -5.48 14.02 13.93
CA TYR C 57 -6.28 12.87 13.53
C TYR C 57 -7.75 13.02 13.88
N SER C 58 -8.07 13.83 14.89
CA SER C 58 -9.46 14.14 15.21
C SER C 58 -9.49 15.47 15.94
N GLU C 59 -10.68 16.06 16.01
CA GLU C 59 -10.85 17.31 16.75
C GLU C 59 -10.75 17.07 18.25
N ARG C 60 -11.42 16.04 18.77
CA ARG C 60 -11.41 15.71 20.18
C ARG C 60 -10.97 14.26 20.33
N VAL C 61 -10.32 13.96 21.45
CA VAL C 61 -9.76 12.63 21.68
C VAL C 61 -10.20 12.15 23.05
N GLY C 62 -10.85 10.99 23.10
CA GLY C 62 -11.25 10.41 24.37
C GLY C 62 -10.06 9.98 25.21
N ALA C 63 -10.29 9.92 26.52
CA ALA C 63 -9.22 9.59 27.45
C ALA C 63 -8.79 8.13 27.31
N GLY C 64 -9.70 7.27 26.87
CA GLY C 64 -9.34 5.87 26.69
C GLY C 64 -8.44 5.60 25.51
N ALA C 65 -8.43 6.48 24.51
CA ALA C 65 -7.64 6.26 23.30
C ALA C 65 -6.13 6.23 23.56
N PRO C 66 -5.48 7.21 24.21
CA PRO C 66 -4.02 7.11 24.34
C PRO C 66 -3.57 6.07 25.34
N VAL C 67 -4.34 5.79 26.39
CA VAL C 67 -3.97 4.73 27.32
C VAL C 67 -4.11 3.37 26.64
N TYR C 68 -5.14 3.21 25.79
CA TYR C 68 -5.31 1.98 25.04
C TYR C 68 -4.16 1.81 24.05
N LEU C 69 -3.75 2.91 23.41
CA LEU C 69 -2.67 2.85 22.44
C LEU C 69 -1.34 2.57 23.10
N ALA C 70 -1.11 3.16 24.28
CA ALA C 70 0.08 2.83 25.05
C ALA C 70 0.08 1.37 25.46
N ALA C 71 -1.09 0.83 25.78
CA ALA C 71 -1.17 -0.58 26.16
C ALA C 71 -0.83 -1.50 24.98
N VAL C 72 -1.37 -1.21 23.79
CA VAL C 72 -1.08 -2.07 22.65
C VAL C 72 0.38 -1.92 22.21
N LEU C 73 0.94 -0.71 22.28
CA LEU C 73 2.36 -0.54 21.98
C LEU C 73 3.23 -1.25 22.99
N GLU C 74 2.85 -1.23 24.28
CA GLU C 74 3.64 -1.91 25.29
C GLU C 74 3.57 -3.42 25.12
N TYR C 75 2.40 -3.94 24.75
CA TYR C 75 2.31 -5.38 24.51
C TYR C 75 3.14 -5.79 23.31
N LEU C 76 3.07 -5.02 22.22
CA LEU C 76 3.87 -5.34 21.04
C LEU C 76 5.37 -5.24 21.33
N THR C 77 5.77 -4.19 22.07
CA THR C 77 7.16 -4.02 22.44
C THR C 77 7.65 -5.15 23.34
N ALA C 78 6.82 -5.55 24.32
CA ALA C 78 7.18 -6.65 25.20
C ALA C 78 7.32 -7.94 24.43
N GLU C 79 6.42 -8.18 23.47
CA GLU C 79 6.49 -9.40 22.68
C GLU C 79 7.75 -9.45 21.83
N ILE C 80 8.07 -8.34 21.15
CA ILE C 80 9.19 -8.38 20.22
C ILE C 80 10.52 -8.38 20.96
N LEU C 81 10.61 -7.70 22.11
CA LEU C 81 11.83 -7.80 22.90
C LEU C 81 11.94 -9.13 23.64
N GLU C 82 10.82 -9.79 23.92
CA GLU C 82 10.87 -11.18 24.37
C GLU C 82 11.51 -12.09 23.33
N LEU C 83 11.03 -12.01 22.09
CA LEU C 83 11.60 -12.84 21.04
C LEU C 83 13.05 -12.44 20.73
N ALA C 84 13.36 -11.15 20.82
CA ALA C 84 14.73 -10.69 20.62
C ALA C 84 15.67 -11.19 21.71
N GLY C 85 15.24 -11.16 22.97
CA GLY C 85 16.06 -11.67 24.04
C GLY C 85 16.26 -13.17 23.94
N ASN C 86 15.21 -13.90 23.56
CA ASN C 86 15.35 -15.33 23.37
C ASN C 86 16.29 -15.67 22.22
N ALA C 87 16.24 -14.88 21.14
CA ALA C 87 17.16 -15.10 20.02
C ALA C 87 18.59 -14.73 20.40
N ALA C 88 18.76 -13.70 21.23
CA ALA C 88 20.10 -13.28 21.65
C ALA C 88 20.73 -14.31 22.58
N ARG C 89 19.94 -14.88 23.50
CA ARG C 89 20.45 -15.96 24.33
C ARG C 89 20.65 -17.24 23.53
N ASP C 90 19.89 -17.39 22.44
CA ASP C 90 20.13 -18.51 21.54
C ASP C 90 21.48 -18.37 20.84
N ASN C 91 21.86 -17.15 20.48
CA ASN C 91 23.16 -16.88 19.89
C ASN C 91 24.22 -16.54 20.93
N LYS C 92 24.00 -16.96 22.18
CA LYS C 92 24.90 -16.81 23.35
C LYS C 92 25.46 -15.39 23.51
N LYS C 93 24.70 -14.39 23.11
CA LYS C 93 25.09 -12.99 23.26
C LYS C 93 24.21 -12.31 24.29
N THR C 94 24.75 -11.27 24.92
CA THR C 94 24.06 -10.56 25.99
C THR C 94 23.34 -9.31 25.50
N ARG C 95 23.90 -8.60 24.52
CA ARG C 95 23.34 -7.34 24.06
C ARG C 95 22.61 -7.58 22.75
N ILE C 96 21.41 -7.01 22.62
CA ILE C 96 20.59 -7.24 21.43
C ILE C 96 21.12 -6.41 20.27
N ILE C 97 20.94 -6.93 19.06
CA ILE C 97 21.45 -6.32 17.84
C ILE C 97 20.31 -6.44 16.84
N PRO C 98 20.23 -5.58 15.80
CA PRO C 98 19.14 -5.74 14.81
C PRO C 98 19.12 -7.05 14.06
N ARG C 99 20.24 -7.79 14.02
CA ARG C 99 20.19 -9.18 13.56
C ARG C 99 19.22 -10.00 14.40
N HIS C 100 19.33 -9.88 15.73
CA HIS C 100 18.42 -10.58 16.62
C HIS C 100 16.99 -10.08 16.45
N LEU C 101 16.81 -8.78 16.21
CA LEU C 101 15.47 -8.24 16.00
C LEU C 101 14.83 -8.81 14.75
N GLN C 102 15.58 -8.88 13.66
CA GLN C 102 15.03 -9.34 12.39
C GLN C 102 14.72 -10.83 12.46
N LEU C 103 15.62 -11.59 13.12
CA LEU C 103 15.35 -12.99 13.43
C LEU C 103 14.08 -13.13 14.25
N ALA C 104 13.90 -12.25 15.24
CA ALA C 104 12.73 -12.29 16.11
C ALA C 104 11.46 -12.01 15.33
N ILE C 105 11.51 -11.08 14.37
CA ILE C 105 10.31 -10.73 13.62
C ILE C 105 9.87 -11.87 12.71
N ARG C 106 10.79 -12.47 11.94
CA ARG C 106 10.20 -13.42 11.00
C ARG C 106 10.24 -14.88 11.48
N ASN C 107 10.48 -15.15 12.77
CA ASN C 107 9.98 -16.39 13.33
C ASN C 107 8.51 -16.33 13.71
N ASP C 108 7.93 -15.14 13.84
CA ASP C 108 6.56 -15.01 14.31
C ASP C 108 5.67 -14.63 13.14
N GLU C 109 4.72 -15.51 12.82
CA GLU C 109 3.97 -15.40 11.57
C GLU C 109 3.05 -14.18 11.57
N GLU C 110 2.35 -13.94 12.68
CA GLU C 110 1.45 -12.79 12.73
C GLU C 110 2.24 -11.48 12.81
N LEU C 111 3.42 -11.49 13.41
CA LEU C 111 4.29 -10.33 13.33
C LEU C 111 4.80 -10.12 11.91
N ASN C 112 5.05 -11.20 11.18
CA ASN C 112 5.45 -11.09 9.79
C ASN C 112 4.31 -10.53 8.95
N LYS C 113 3.07 -10.88 9.28
CA LYS C 113 1.92 -10.26 8.63
C LYS C 113 1.81 -8.77 8.99
N LEU C 114 2.17 -8.43 10.23
CA LEU C 114 2.14 -7.03 10.65
C LEU C 114 3.22 -6.21 9.93
N LEU C 115 4.40 -6.79 9.75
CA LEU C 115 5.57 -6.09 9.23
C LEU C 115 6.05 -6.65 7.91
N GLY C 116 5.12 -6.90 6.98
CA GLY C 116 5.48 -7.45 5.69
C GLY C 116 6.31 -6.52 4.83
N ARG C 117 6.02 -5.22 4.90
CA ARG C 117 6.61 -4.23 4.00
C ARG C 117 7.72 -3.42 4.67
N VAL C 118 8.21 -3.88 5.82
CA VAL C 118 9.13 -3.11 6.66
C VAL C 118 10.51 -3.76 6.65
N THR C 119 11.55 -2.95 6.45
CA THR C 119 12.93 -3.42 6.48
C THR C 119 13.62 -2.96 7.75
N ILE C 120 14.31 -3.90 8.41
CA ILE C 120 15.15 -3.62 9.57
C ILE C 120 16.53 -3.20 9.07
N ALA C 121 17.04 -2.08 9.58
CA ALA C 121 18.40 -1.67 9.24
C ALA C 121 19.42 -2.59 9.90
N GLN C 122 20.40 -3.04 9.11
CA GLN C 122 21.43 -4.00 9.52
C GLN C 122 20.86 -5.30 10.04
N GLY C 123 19.64 -5.64 9.66
CA GLY C 123 18.99 -6.84 10.15
C GLY C 123 19.33 -8.06 9.32
N GLY C 124 19.59 -7.86 8.03
CA GLY C 124 19.83 -8.99 7.16
C GLY C 124 18.58 -9.81 6.95
N VAL C 125 18.76 -11.06 6.56
CA VAL C 125 17.66 -11.98 6.31
C VAL C 125 17.90 -13.24 7.12
N LEU C 126 16.84 -13.72 7.77
CA LEU C 126 16.86 -14.99 8.48
C LEU C 126 17.16 -16.13 7.49
N PRO C 127 17.91 -17.16 7.91
CA PRO C 127 18.22 -18.25 6.98
C PRO C 127 16.97 -19.01 6.56
N ASN C 128 16.60 -18.84 5.30
CA ASN C 128 15.43 -19.50 4.72
C ASN C 128 15.78 -19.92 3.30
N ILE C 129 16.31 -21.11 3.16
CA ILE C 129 16.84 -21.60 1.90
C ILE C 129 15.83 -22.58 1.31
N GLN C 130 15.47 -22.37 0.05
CA GLN C 130 14.61 -23.31 -0.65
C GLN C 130 15.32 -24.64 -0.82
N ALA C 131 14.57 -25.72 -0.56
CA ALA C 131 15.19 -27.03 -0.42
C ALA C 131 15.68 -27.61 -1.74
N VAL C 132 15.15 -27.14 -2.87
CA VAL C 132 15.52 -27.72 -4.16
C VAL C 132 16.95 -27.30 -4.54
N LEU C 133 17.37 -26.12 -4.10
CA LEU C 133 18.71 -25.66 -4.46
C LEU C 133 19.76 -26.18 -3.46
N LEU C 134 19.31 -26.77 -2.37
CA LEU C 134 20.21 -27.41 -1.43
C LEU C 134 20.82 -28.66 -2.07
N PRO C 135 22.06 -29.02 -1.74
CA PRO C 135 22.67 -30.21 -2.34
C PRO C 135 22.04 -31.49 -1.82
N LYS C 136 22.24 -32.56 -2.58
CA LYS C 136 21.65 -33.86 -2.25
C LYS C 136 22.71 -34.75 -1.60
N LYS D 31 24.21 23.32 25.35
CA LYS D 31 23.35 22.17 25.08
C LYS D 31 22.57 22.38 23.77
N ARG D 32 21.99 21.29 23.26
CA ARG D 32 21.20 21.31 22.04
C ARG D 32 19.75 21.00 22.38
N SER D 33 18.89 21.14 21.36
CA SER D 33 17.47 20.90 21.55
C SER D 33 17.21 19.42 21.79
N ARG D 34 16.16 19.13 22.56
CA ARG D 34 15.81 17.75 22.86
C ARG D 34 15.17 17.10 21.64
N LYS D 35 15.79 16.04 21.14
CA LYS D 35 15.21 15.21 20.09
C LYS D 35 14.50 14.06 20.81
N GLU D 36 13.17 14.14 20.85
CA GLU D 36 12.38 13.21 21.64
C GLU D 36 12.46 11.79 21.09
N SER D 37 12.47 10.82 21.99
CA SER D 37 12.73 9.44 21.63
C SER D 37 11.97 8.53 22.57
N TYR D 38 12.01 7.23 22.27
CA TYR D 38 11.45 6.21 23.14
C TYR D 38 12.54 5.42 23.89
N SER D 39 13.51 6.12 24.45
CA SER D 39 14.66 5.44 25.05
C SER D 39 14.31 4.74 26.35
N VAL D 40 13.96 5.53 27.37
CA VAL D 40 13.86 4.98 28.72
C VAL D 40 12.66 4.03 28.83
N TYR D 41 11.66 4.20 27.97
CA TYR D 41 10.47 3.37 28.06
C TYR D 41 10.76 1.97 27.54
N VAL D 42 11.46 1.89 26.40
CA VAL D 42 11.88 0.60 25.87
C VAL D 42 12.90 -0.05 26.80
N TYR D 43 13.74 0.78 27.44
CA TYR D 43 14.73 0.20 28.36
C TYR D 43 14.05 -0.39 29.60
N LYS D 44 13.04 0.31 30.15
CA LYS D 44 12.31 -0.22 31.29
C LYS D 44 11.51 -1.48 30.94
N VAL D 45 10.90 -1.53 29.75
CA VAL D 45 10.14 -2.73 29.43
C VAL D 45 11.09 -3.90 29.18
N LEU D 46 12.30 -3.63 28.67
CA LEU D 46 13.34 -4.66 28.62
C LEU D 46 13.70 -5.16 30.00
N LYS D 47 13.96 -4.24 30.94
CA LYS D 47 14.35 -4.66 32.29
C LYS D 47 13.23 -5.38 33.02
N GLN D 48 11.97 -5.13 32.66
CA GLN D 48 10.91 -6.01 33.13
C GLN D 48 10.99 -7.39 32.50
N VAL D 49 11.12 -7.46 31.17
CA VAL D 49 10.97 -8.76 30.52
C VAL D 49 12.27 -9.56 30.55
N HIS D 50 13.42 -8.87 30.62
CA HIS D 50 14.73 -9.51 30.69
C HIS D 50 15.67 -8.59 31.44
N PRO D 51 15.84 -8.81 32.75
CA PRO D 51 16.68 -7.89 33.54
C PRO D 51 18.16 -7.88 33.15
N ASP D 52 18.65 -8.94 32.51
CA ASP D 52 20.09 -9.12 32.35
C ASP D 52 20.64 -8.71 30.98
N THR D 53 19.81 -8.63 29.95
CA THR D 53 20.31 -8.43 28.59
C THR D 53 20.46 -6.95 28.28
N GLY D 54 21.26 -6.66 27.25
CA GLY D 54 21.59 -5.30 26.87
C GLY D 54 20.93 -4.85 25.58
N ILE D 55 21.18 -3.58 25.24
CA ILE D 55 20.59 -2.93 24.08
C ILE D 55 21.68 -2.22 23.29
N SER D 56 21.67 -2.40 21.97
CA SER D 56 22.55 -1.63 21.11
C SER D 56 21.80 -0.44 20.51
N SER D 57 22.57 0.54 20.03
CA SER D 57 21.98 1.79 19.55
C SER D 57 21.24 1.58 18.23
N LYS D 58 21.74 0.70 17.37
CA LYS D 58 21.05 0.39 16.13
C LYS D 58 19.71 -0.28 16.40
N ALA D 59 19.69 -1.24 17.33
CA ALA D 59 18.43 -1.85 17.78
C ALA D 59 17.52 -0.81 18.42
N MET D 60 18.11 0.19 19.06
CA MET D 60 17.32 1.17 19.77
C MET D 60 16.63 2.10 18.78
N GLY D 61 17.33 2.43 17.69
CA GLY D 61 16.70 3.15 16.59
C GLY D 61 15.62 2.34 15.90
N ILE D 62 15.84 1.02 15.77
CA ILE D 62 14.81 0.12 15.25
C ILE D 62 13.55 0.21 16.11
N MET D 63 13.72 0.22 17.43
CA MET D 63 12.58 0.35 18.33
C MET D 63 11.90 1.71 18.19
N ASN D 64 12.67 2.78 18.02
CA ASN D 64 12.07 4.10 17.83
C ASN D 64 11.22 4.14 16.56
N SER D 65 11.76 3.60 15.47
CA SER D 65 11.02 3.60 14.21
C SER D 65 9.83 2.65 14.26
N PHE D 66 9.96 1.56 15.03
CA PHE D 66 8.85 0.63 15.25
C PHE D 66 7.68 1.32 15.94
N VAL D 67 7.97 2.00 17.06
CA VAL D 67 6.94 2.69 17.82
C VAL D 67 6.29 3.78 16.96
N ASN D 68 7.11 4.52 16.22
CA ASN D 68 6.58 5.56 15.33
C ASN D 68 5.67 4.97 14.26
N ASP D 69 6.07 3.86 13.63
CA ASP D 69 5.28 3.28 12.56
C ASP D 69 3.95 2.72 13.06
N ILE D 70 3.99 2.00 14.19
CA ILE D 70 2.76 1.41 14.71
C ILE D 70 1.80 2.49 15.20
N PHE D 71 2.35 3.54 15.86
CA PHE D 71 1.51 4.66 16.29
C PHE D 71 0.88 5.36 15.09
N GLU D 72 1.65 5.52 14.01
CA GLU D 72 1.13 6.17 12.82
C GLU D 72 0.02 5.35 12.19
N ARG D 73 0.19 4.03 12.12
CA ARG D 73 -0.85 3.17 11.53
C ARG D 73 -2.14 3.20 12.35
N ILE D 74 -2.03 3.05 13.67
CA ILE D 74 -3.23 3.06 14.51
C ILE D 74 -3.91 4.42 14.49
N ALA D 75 -3.12 5.50 14.54
CA ALA D 75 -3.70 6.84 14.51
C ALA D 75 -4.37 7.14 13.18
N GLY D 76 -3.77 6.72 12.07
CA GLY D 76 -4.39 6.92 10.77
C GLY D 76 -5.69 6.16 10.62
N GLU D 77 -5.73 4.91 11.09
CA GLU D 77 -6.96 4.15 11.00
C GLU D 77 -8.03 4.69 11.94
N ALA D 78 -7.63 5.23 13.10
CA ALA D 78 -8.57 5.87 14.00
C ALA D 78 -9.17 7.13 13.37
N SER D 79 -8.33 7.93 12.72
CA SER D 79 -8.83 9.11 12.01
C SER D 79 -9.78 8.72 10.89
N ARG D 80 -9.45 7.65 10.17
CA ARG D 80 -10.31 7.18 9.09
C ARG D 80 -11.67 6.72 9.62
N LEU D 81 -11.67 5.99 10.74
CA LEU D 81 -12.93 5.55 11.35
C LEU D 81 -13.74 6.72 11.89
N ALA D 82 -13.07 7.74 12.43
CA ALA D 82 -13.78 8.93 12.87
C ALA D 82 -14.42 9.66 11.71
N HIS D 83 -13.72 9.72 10.57
CA HIS D 83 -14.27 10.34 9.38
C HIS D 83 -15.47 9.56 8.85
N TYR D 84 -15.43 8.23 8.95
CA TYR D 84 -16.49 7.42 8.36
C TYR D 84 -17.80 7.55 9.12
N ASN D 85 -17.76 7.59 10.44
CA ASN D 85 -18.98 7.66 11.23
C ASN D 85 -19.44 9.08 11.53
N LYS D 86 -18.75 10.07 10.96
CA LYS D 86 -18.93 11.48 11.31
C LYS D 86 -18.76 11.65 12.83
N ARG D 87 -17.55 11.40 13.29
CA ARG D 87 -17.19 11.52 14.69
C ARG D 87 -16.03 12.49 14.86
N SER D 88 -16.21 13.43 15.78
CA SER D 88 -15.11 14.31 16.17
C SER D 88 -14.33 13.77 17.37
N THR D 89 -14.66 12.58 17.86
CA THR D 89 -14.07 12.03 19.07
C THR D 89 -13.38 10.71 18.79
N ILE D 90 -12.15 10.57 19.24
CA ILE D 90 -11.45 9.29 19.25
C ILE D 90 -11.27 8.84 20.69
N THR D 91 -12.02 7.81 21.08
CA THR D 91 -11.87 7.13 22.36
C THR D 91 -11.32 5.72 22.10
N SER D 92 -11.27 4.91 23.16
CA SER D 92 -10.67 3.58 23.07
C SER D 92 -11.46 2.65 22.15
N ARG D 93 -12.72 2.97 21.86
CA ARG D 93 -13.56 2.07 21.08
C ARG D 93 -13.13 2.07 19.61
N GLU D 94 -12.88 3.25 19.05
CA GLU D 94 -12.28 3.35 17.72
C GLU D 94 -10.88 2.75 17.70
N ILE D 95 -10.14 2.88 18.80
CA ILE D 95 -8.78 2.36 18.82
C ILE D 95 -8.79 0.84 18.79
N GLN D 96 -9.69 0.21 19.55
CA GLN D 96 -9.78 -1.25 19.54
C GLN D 96 -10.35 -1.74 18.22
N THR D 97 -11.21 -0.93 17.59
CA THR D 97 -11.60 -1.19 16.21
C THR D 97 -10.39 -1.21 15.28
N ALA D 98 -9.51 -0.22 15.40
CA ALA D 98 -8.34 -0.16 14.53
C ALA D 98 -7.35 -1.28 14.84
N VAL D 99 -7.29 -1.71 16.10
CA VAL D 99 -6.49 -2.89 16.46
C VAL D 99 -7.05 -4.14 15.79
N ARG D 100 -8.37 -4.29 15.82
CA ARG D 100 -8.99 -5.47 15.22
C ARG D 100 -8.85 -5.45 13.69
N LEU D 101 -8.77 -4.26 13.10
CA LEU D 101 -8.36 -4.17 11.69
C LEU D 101 -6.91 -4.58 11.49
N LEU D 102 -5.96 -3.80 12.05
CA LEU D 102 -4.58 -3.88 11.58
C LEU D 102 -3.86 -5.11 12.12
N LEU D 103 -3.79 -5.24 13.45
CA LEU D 103 -3.09 -6.38 14.05
C LEU D 103 -3.89 -7.66 13.81
N PRO D 104 -3.26 -8.69 13.27
CA PRO D 104 -4.01 -9.89 12.87
C PRO D 104 -4.22 -10.85 14.03
N GLY D 105 -5.49 -11.19 14.27
CA GLY D 105 -5.87 -12.31 15.12
C GLY D 105 -5.41 -12.32 16.56
N GLU D 106 -4.44 -13.20 16.85
CA GLU D 106 -4.04 -13.48 18.22
C GLU D 106 -3.45 -12.25 18.90
N LEU D 107 -2.61 -11.49 18.17
CA LEU D 107 -2.10 -10.23 18.68
C LEU D 107 -3.22 -9.25 18.98
N ALA D 108 -4.25 -9.24 18.12
CA ALA D 108 -5.36 -8.32 18.31
C ALA D 108 -6.15 -8.64 19.57
N LYS D 109 -6.50 -9.91 19.79
CA LYS D 109 -7.29 -10.25 20.97
C LYS D 109 -6.47 -10.07 22.24
N HIS D 110 -5.17 -10.38 22.18
CA HIS D 110 -4.31 -10.09 23.33
C HIS D 110 -4.24 -8.58 23.60
N ALA D 111 -4.10 -7.78 22.54
CA ALA D 111 -4.05 -6.33 22.70
C ALA D 111 -5.32 -5.81 23.33
N VAL D 112 -6.46 -6.38 22.94
CA VAL D 112 -7.73 -6.09 23.61
C VAL D 112 -7.66 -6.46 25.09
N SER D 113 -7.00 -7.57 25.41
CA SER D 113 -6.94 -8.00 26.81
C SER D 113 -6.17 -7.02 27.69
N GLU D 114 -4.92 -6.68 27.32
CA GLU D 114 -4.19 -5.74 28.19
C GLU D 114 -4.72 -4.31 28.04
N GLY D 115 -5.27 -3.94 26.88
CA GLY D 115 -5.87 -2.64 26.77
C GLY D 115 -7.12 -2.49 27.63
N THR D 116 -7.91 -3.57 27.71
CA THR D 116 -9.07 -3.57 28.59
C THR D 116 -8.65 -3.49 30.05
N LYS D 117 -7.58 -4.22 30.42
CA LYS D 117 -7.07 -4.12 31.78
C LYS D 117 -6.60 -2.70 32.07
N ALA D 118 -5.93 -2.08 31.10
CA ALA D 118 -5.42 -0.72 31.28
C ALA D 118 -6.53 0.30 31.42
N VAL D 119 -7.58 0.19 30.60
CA VAL D 119 -8.65 1.18 30.68
C VAL D 119 -9.50 0.96 31.93
N THR D 120 -9.65 -0.29 32.38
CA THR D 120 -10.37 -0.52 33.63
C THR D 120 -9.58 0.00 34.82
N LYS D 121 -8.25 -0.17 34.80
CA LYS D 121 -7.43 0.40 35.87
C LYS D 121 -7.41 1.92 35.80
N TYR D 122 -7.55 2.48 34.59
CA TYR D 122 -7.58 3.92 34.43
C TYR D 122 -8.87 4.52 34.97
N THR D 123 -10.01 3.88 34.68
CA THR D 123 -11.27 4.36 35.23
C THR D 123 -11.32 4.17 36.75
N SER D 124 -10.62 3.18 37.26
CA SER D 124 -10.46 3.01 38.70
C SER D 124 -9.28 3.81 39.24
N ALA D 125 -8.58 4.55 38.37
CA ALA D 125 -7.43 5.40 38.71
C ALA D 125 -6.32 4.63 39.41
N LYS E 38 47.94 -32.76 -7.12
CA LYS E 38 46.83 -32.00 -7.68
C LYS E 38 46.27 -31.01 -6.67
N PRO E 39 46.15 -29.74 -7.05
CA PRO E 39 45.54 -28.75 -6.16
C PRO E 39 44.07 -29.08 -5.92
N HIS E 40 43.61 -28.79 -4.71
CA HIS E 40 42.24 -29.12 -4.35
C HIS E 40 41.28 -28.11 -4.96
N ARG E 41 40.14 -28.60 -5.44
CA ARG E 41 39.16 -27.77 -6.12
C ARG E 41 37.77 -28.23 -5.71
N TYR E 42 36.95 -27.30 -5.21
CA TYR E 42 35.60 -27.63 -4.80
C TYR E 42 34.69 -27.67 -6.03
N ARG E 43 33.65 -28.51 -5.95
CA ARG E 43 32.73 -28.63 -7.06
C ARG E 43 31.90 -27.35 -7.23
N PRO E 44 31.47 -27.05 -8.45
CA PRO E 44 30.66 -25.85 -8.67
C PRO E 44 29.32 -25.93 -7.94
N GLY E 45 29.04 -24.89 -7.15
CA GLY E 45 27.86 -24.84 -6.33
C GLY E 45 28.12 -25.07 -4.85
N THR E 46 29.13 -25.87 -4.50
CA THR E 46 29.46 -26.08 -3.10
C THR E 46 29.94 -24.79 -2.45
N VAL E 47 30.85 -24.09 -3.13
CA VAL E 47 31.27 -22.77 -2.68
C VAL E 47 30.10 -21.80 -2.77
N ALA E 48 29.19 -22.00 -3.73
CA ALA E 48 28.00 -21.16 -3.81
C ALA E 48 27.10 -21.35 -2.58
N LEU E 49 26.90 -22.60 -2.15
CA LEU E 49 26.13 -22.83 -0.92
C LEU E 49 26.85 -22.28 0.30
N ARG E 50 28.18 -22.37 0.33
CA ARG E 50 28.91 -21.76 1.44
C ARG E 50 28.77 -20.24 1.42
N GLU E 51 28.75 -19.65 0.22
CA GLU E 51 28.50 -18.21 0.10
C GLU E 51 27.11 -17.84 0.58
N ILE E 52 26.10 -18.65 0.23
CA ILE E 52 24.74 -18.39 0.67
C ILE E 52 24.65 -18.44 2.18
N ARG E 53 25.21 -19.49 2.79
CA ARG E 53 25.16 -19.63 4.24
C ARG E 53 25.95 -18.53 4.93
N ARG E 54 27.11 -18.17 4.36
CA ARG E 54 27.96 -17.13 4.94
C ARG E 54 27.27 -15.77 4.91
N TYR E 55 26.91 -15.30 3.72
CA TYR E 55 26.28 -13.99 3.59
C TYR E 55 24.88 -13.93 4.17
N GLN E 56 24.17 -15.06 4.22
CA GLN E 56 22.87 -15.12 4.85
C GLN E 56 22.97 -15.03 6.37
N LYS E 57 23.97 -15.68 6.95
CA LYS E 57 24.26 -15.47 8.36
C LYS E 57 24.74 -14.06 8.63
N SER E 58 25.48 -13.48 7.68
CA SER E 58 26.12 -12.18 7.86
C SER E 58 25.09 -11.06 7.83
N THR E 59 25.48 -9.91 8.39
CA THR E 59 24.65 -8.71 8.40
C THR E 59 25.27 -7.50 7.72
N GLU E 60 26.52 -7.58 7.28
CA GLU E 60 27.21 -6.40 6.80
C GLU E 60 26.86 -6.08 5.34
N LEU E 61 27.30 -4.90 4.93
CA LEU E 61 26.96 -4.32 3.64
C LEU E 61 27.67 -5.04 2.51
N LEU E 62 26.95 -5.28 1.41
CA LEU E 62 27.49 -6.02 0.29
C LEU E 62 27.88 -5.14 -0.90
N ILE E 63 27.72 -3.83 -0.79
CA ILE E 63 28.18 -2.89 -1.80
C ILE E 63 29.26 -2.03 -1.17
N ARG E 64 30.34 -1.78 -1.92
CA ARG E 64 31.33 -0.80 -1.50
C ARG E 64 30.66 0.57 -1.39
N LYS E 65 30.90 1.25 -0.26
CA LYS E 65 30.10 2.41 0.08
C LYS E 65 30.45 3.63 -0.77
N LEU E 66 31.70 3.73 -1.22
CA LEU E 66 32.13 4.92 -1.94
C LEU E 66 31.69 4.90 -3.42
N PRO E 67 31.80 3.79 -4.18
CA PRO E 67 31.16 3.80 -5.51
C PRO E 67 29.65 3.94 -5.47
N PHE E 68 28.99 3.41 -4.43
CA PHE E 68 27.56 3.68 -4.27
C PHE E 68 27.30 5.16 -4.03
N GLN E 69 28.16 5.80 -3.24
CA GLN E 69 28.04 7.24 -3.02
C GLN E 69 28.26 8.02 -4.32
N ARG E 70 29.23 7.59 -5.13
CA ARG E 70 29.45 8.22 -6.42
C ARG E 70 28.22 8.06 -7.33
N LEU E 71 27.63 6.86 -7.34
CA LEU E 71 26.46 6.61 -8.16
C LEU E 71 25.26 7.44 -7.71
N VAL E 72 25.04 7.53 -6.40
CA VAL E 72 23.86 8.24 -5.92
C VAL E 72 24.04 9.75 -6.13
N ARG E 73 25.28 10.25 -6.05
CA ARG E 73 25.52 11.65 -6.39
C ARG E 73 25.33 11.90 -7.88
N GLU E 74 25.70 10.93 -8.71
CA GLU E 74 25.45 11.04 -10.15
C GLU E 74 23.96 11.13 -10.46
N ILE E 75 23.16 10.23 -9.88
CA ILE E 75 21.73 10.22 -10.19
C ILE E 75 21.04 11.43 -9.56
N ALA E 76 21.57 11.91 -8.43
CA ALA E 76 21.05 13.14 -7.83
C ALA E 76 21.30 14.33 -8.72
N GLN E 77 22.50 14.41 -9.33
CA GLN E 77 22.83 15.49 -10.23
C GLN E 77 21.99 15.48 -11.51
N ASP E 78 21.42 14.33 -11.87
CA ASP E 78 20.49 14.24 -12.99
C ASP E 78 19.23 15.05 -12.76
N PHE E 79 18.77 15.16 -11.51
CA PHE E 79 17.51 15.82 -11.20
C PHE E 79 17.70 17.20 -10.59
N LYS E 80 18.75 17.39 -9.80
CA LYS E 80 19.04 18.69 -9.21
C LYS E 80 20.54 18.85 -9.09
N THR E 81 21.05 19.99 -9.55
CA THR E 81 22.49 20.18 -9.63
C THR E 81 23.08 20.56 -8.27
N ASP E 82 24.35 20.17 -8.09
CA ASP E 82 25.19 20.50 -6.93
C ASP E 82 24.54 20.00 -5.63
N LEU E 83 24.01 18.79 -5.66
CA LEU E 83 23.40 18.23 -4.46
C LEU E 83 24.46 17.67 -3.52
N ARG E 84 24.16 17.72 -2.22
CA ARG E 84 25.05 17.22 -1.19
C ARG E 84 24.33 16.17 -0.34
N PHE E 85 25.09 15.17 0.09
CA PHE E 85 24.54 14.02 0.80
C PHE E 85 25.11 13.93 2.20
N GLN E 86 24.23 13.75 3.19
CA GLN E 86 24.67 13.25 4.48
C GLN E 86 25.17 11.83 4.31
N SER E 87 26.21 11.48 5.07
CA SER E 87 26.74 10.12 5.03
C SER E 87 25.70 9.11 5.50
N SER E 88 24.93 9.48 6.52
CA SER E 88 23.82 8.64 6.97
C SER E 88 22.75 8.51 5.90
N ALA E 89 22.55 9.54 5.07
CA ALA E 89 21.59 9.43 3.98
C ALA E 89 22.07 8.45 2.92
N VAL E 90 23.37 8.46 2.63
CA VAL E 90 23.94 7.48 1.71
C VAL E 90 23.81 6.07 2.27
N MET E 91 24.04 5.92 3.57
CA MET E 91 23.88 4.61 4.20
C MET E 91 22.42 4.17 4.21
N ALA E 92 21.49 5.10 4.39
CA ALA E 92 20.07 4.74 4.41
C ALA E 92 19.59 4.32 3.03
N LEU E 93 19.98 5.06 1.99
CA LEU E 93 19.73 4.63 0.62
C LEU E 93 20.43 3.32 0.32
N GLN E 94 21.59 3.08 0.93
CA GLN E 94 22.26 1.80 0.79
C GLN E 94 21.44 0.65 1.36
N GLU E 95 20.92 0.80 2.58
CA GLU E 95 20.09 -0.25 3.16
C GLU E 95 18.81 -0.44 2.38
N ALA E 96 18.20 0.66 1.92
CA ALA E 96 16.97 0.56 1.15
C ALA E 96 17.20 -0.11 -0.20
N SER E 97 18.32 0.21 -0.86
CA SER E 97 18.66 -0.43 -2.13
C SER E 97 18.94 -1.90 -1.93
N GLU E 98 19.71 -2.25 -0.89
CA GLU E 98 19.94 -3.67 -0.60
C GLU E 98 18.64 -4.38 -0.26
N ALA E 99 17.73 -3.70 0.43
CA ALA E 99 16.45 -4.30 0.80
C ALA E 99 15.61 -4.61 -0.42
N TYR E 100 15.46 -3.62 -1.31
CA TYR E 100 14.71 -3.84 -2.54
C TYR E 100 15.35 -4.93 -3.38
N LEU E 101 16.68 -4.93 -3.47
CA LEU E 101 17.35 -5.95 -4.28
C LEU E 101 17.20 -7.34 -3.66
N VAL E 102 17.31 -7.49 -2.34
CA VAL E 102 17.20 -8.83 -1.77
C VAL E 102 15.75 -9.32 -1.81
N GLY E 103 14.78 -8.41 -1.69
CA GLY E 103 13.39 -8.81 -1.85
C GLY E 103 13.09 -9.25 -3.27
N LEU E 104 13.57 -8.50 -4.25
CA LEU E 104 13.41 -8.90 -5.64
C LEU E 104 14.18 -10.19 -5.95
N PHE E 105 15.32 -10.40 -5.29
CA PHE E 105 16.06 -11.64 -5.51
C PHE E 105 15.35 -12.84 -4.90
N GLU E 106 14.68 -12.67 -3.76
CA GLU E 106 13.83 -13.74 -3.24
C GLU E 106 12.69 -14.03 -4.20
N ASP E 107 12.09 -12.98 -4.78
CA ASP E 107 11.01 -13.18 -5.73
C ASP E 107 11.51 -13.90 -6.99
N THR E 108 12.72 -13.59 -7.45
CA THR E 108 13.24 -14.26 -8.63
C THR E 108 13.70 -15.68 -8.29
N ASN E 109 14.10 -15.93 -7.04
CA ASN E 109 14.35 -17.30 -6.61
C ASN E 109 13.08 -18.13 -6.69
N LEU E 110 11.97 -17.56 -6.22
CA LEU E 110 10.68 -18.23 -6.33
C LEU E 110 10.28 -18.44 -7.78
N ALA E 111 10.54 -17.45 -8.63
CA ALA E 111 10.21 -17.57 -10.04
C ALA E 111 11.08 -18.62 -10.73
N ALA E 112 12.34 -18.75 -10.32
CA ALA E 112 13.22 -19.71 -10.93
C ALA E 112 12.89 -21.13 -10.50
N ILE E 113 12.60 -21.34 -9.22
CA ILE E 113 12.23 -22.68 -8.78
C ILE E 113 10.84 -23.03 -9.27
N HIS E 114 10.03 -22.01 -9.58
CA HIS E 114 8.78 -22.22 -10.31
C HIS E 114 9.03 -22.83 -11.67
N ALA E 115 10.00 -22.30 -12.41
CA ALA E 115 10.21 -22.65 -13.81
C ALA E 115 11.07 -23.88 -14.01
N LYS E 116 11.14 -24.76 -13.01
CA LYS E 116 11.91 -26.02 -13.05
C LYS E 116 13.40 -25.77 -13.25
N ARG E 117 13.88 -24.60 -12.85
CA ARG E 117 15.26 -24.20 -13.04
C ARG E 117 15.86 -23.71 -11.74
N VAL E 118 17.16 -23.43 -11.77
CA VAL E 118 17.84 -22.79 -10.65
C VAL E 118 18.52 -21.49 -11.06
N THR E 119 18.91 -21.33 -12.32
CA THR E 119 19.51 -20.10 -12.79
C THR E 119 18.44 -19.05 -13.00
N ILE E 120 18.59 -17.91 -12.34
CA ILE E 120 17.64 -16.83 -12.54
C ILE E 120 17.95 -16.13 -13.86
N MET E 121 16.91 -15.66 -14.53
CA MET E 121 16.99 -15.13 -15.88
C MET E 121 16.31 -13.77 -15.90
N PRO E 122 16.56 -12.96 -16.94
CA PRO E 122 15.79 -11.72 -17.09
C PRO E 122 14.29 -11.89 -17.15
N LYS E 123 13.81 -13.01 -17.71
CA LYS E 123 12.39 -13.28 -17.72
C LYS E 123 11.85 -13.50 -16.31
N ASP E 124 12.65 -14.12 -15.42
CA ASP E 124 12.25 -14.22 -14.02
C ASP E 124 12.17 -12.86 -13.34
N ILE E 125 13.13 -11.98 -13.61
CA ILE E 125 13.14 -10.66 -12.99
C ILE E 125 11.97 -9.83 -13.48
N GLN E 126 11.67 -9.91 -14.78
CA GLN E 126 10.53 -9.19 -15.33
C GLN E 126 9.21 -9.77 -14.84
N LEU E 127 9.16 -11.09 -14.64
CA LEU E 127 8.01 -11.72 -14.00
C LEU E 127 7.77 -11.14 -12.61
N ALA E 128 8.84 -11.01 -11.83
CA ALA E 128 8.73 -10.48 -10.48
C ALA E 128 8.25 -9.04 -10.50
N ARG E 129 8.84 -8.22 -11.36
CA ARG E 129 8.45 -6.82 -11.45
C ARG E 129 7.01 -6.66 -11.95
N ARG E 130 6.57 -7.54 -12.84
CA ARG E 130 5.21 -7.42 -13.35
C ARG E 130 4.18 -7.88 -12.33
N ILE E 131 4.50 -8.95 -11.57
CA ILE E 131 3.58 -9.43 -10.54
C ILE E 131 3.47 -8.42 -9.40
N ARG E 132 4.57 -7.75 -9.05
CA ARG E 132 4.55 -6.89 -7.87
C ARG E 132 3.73 -5.61 -8.07
N GLY E 133 3.24 -5.35 -9.29
CA GLY E 133 2.26 -4.30 -9.50
C GLY E 133 2.82 -2.93 -9.82
N GLU E 134 3.69 -2.83 -10.82
CA GLU E 134 4.33 -1.57 -11.11
C GLU E 134 4.42 -1.30 -12.61
N LYS F 21 34.16 16.87 -12.21
CA LYS F 21 32.96 17.36 -11.55
C LYS F 21 31.73 16.56 -11.99
N VAL F 22 31.53 16.47 -13.30
CA VAL F 22 30.42 15.69 -13.83
C VAL F 22 30.79 14.20 -13.80
N LEU F 23 29.79 13.37 -13.50
CA LEU F 23 29.97 11.93 -13.44
C LEU F 23 29.05 11.28 -14.47
N ARG F 24 29.59 10.35 -15.23
CA ARG F 24 28.85 9.74 -16.33
C ARG F 24 28.63 8.25 -16.15
N ASP F 25 29.60 7.52 -15.60
CA ASP F 25 29.49 6.06 -15.47
C ASP F 25 29.93 5.66 -14.06
N ASN F 26 28.96 5.62 -13.15
CA ASN F 26 29.15 4.97 -11.87
C ASN F 26 28.15 3.84 -11.63
N ILE F 27 27.28 3.56 -12.60
CA ILE F 27 26.41 2.40 -12.50
C ILE F 27 27.24 1.12 -12.60
N GLN F 28 28.37 1.17 -13.29
CA GLN F 28 29.34 0.08 -13.23
C GLN F 28 30.12 0.07 -11.92
N GLY F 29 30.00 1.12 -11.10
CA GLY F 29 30.57 1.11 -9.76
C GLY F 29 29.93 0.13 -8.81
N ILE F 30 28.71 -0.32 -9.11
CA ILE F 30 28.10 -1.45 -8.42
C ILE F 30 28.64 -2.69 -9.15
N THR F 31 29.75 -3.22 -8.65
CA THR F 31 30.49 -4.25 -9.36
C THR F 31 29.72 -5.56 -9.38
N LYS F 32 30.07 -6.39 -10.37
CA LYS F 32 29.46 -7.71 -10.54
C LYS F 32 29.63 -8.64 -9.33
N PRO F 33 30.81 -8.79 -8.70
CA PRO F 33 30.85 -9.62 -7.48
C PRO F 33 30.06 -9.04 -6.32
N ALA F 34 29.89 -7.71 -6.28
CA ALA F 34 29.04 -7.12 -5.26
C ALA F 34 27.57 -7.48 -5.49
N ILE F 35 27.15 -7.49 -6.75
CA ILE F 35 25.83 -8.01 -7.12
C ILE F 35 25.71 -9.49 -6.74
N ARG F 36 26.80 -10.23 -6.91
CA ARG F 36 26.82 -11.64 -6.50
C ARG F 36 26.61 -11.79 -5.01
N ARG F 37 27.26 -10.94 -4.21
CA ARG F 37 27.07 -10.96 -2.77
C ARG F 37 25.62 -10.63 -2.40
N LEU F 38 25.03 -9.64 -3.07
CA LEU F 38 23.62 -9.31 -2.83
C LEU F 38 22.72 -10.49 -3.15
N ALA F 39 23.00 -11.20 -4.24
CA ALA F 39 22.19 -12.35 -4.60
C ALA F 39 22.42 -13.52 -3.64
N ARG F 40 23.61 -13.60 -3.05
CA ARG F 40 23.84 -14.58 -2.01
C ARG F 40 23.02 -14.27 -0.77
N ARG F 41 22.85 -12.98 -0.46
CA ARG F 41 21.93 -12.62 0.62
C ARG F 41 20.48 -12.92 0.23
N GLY F 42 20.16 -12.82 -1.07
CA GLY F 42 18.85 -13.21 -1.52
C GLY F 42 18.64 -14.70 -1.71
N GLY F 43 19.66 -15.51 -1.42
CA GLY F 43 19.55 -16.94 -1.57
C GLY F 43 19.68 -17.45 -2.99
N VAL F 44 20.25 -16.65 -3.89
CA VAL F 44 20.44 -17.07 -5.27
C VAL F 44 21.72 -17.87 -5.38
N LYS F 45 21.64 -19.04 -6.00
CA LYS F 45 22.81 -19.88 -6.21
C LYS F 45 23.47 -19.64 -7.56
N ARG F 46 22.70 -19.65 -8.65
CA ARG F 46 23.26 -19.55 -9.98
C ARG F 46 22.69 -18.32 -10.68
N ILE F 47 23.58 -17.45 -11.15
CA ILE F 47 23.22 -16.15 -11.70
C ILE F 47 23.68 -16.12 -13.15
N SER F 48 22.77 -15.78 -14.06
CA SER F 48 23.13 -15.75 -15.46
C SER F 48 24.02 -14.53 -15.77
N GLY F 49 24.73 -14.62 -16.90
CA GLY F 49 25.65 -13.56 -17.27
C GLY F 49 24.99 -12.28 -17.70
N LEU F 50 23.74 -12.33 -18.14
CA LEU F 50 23.01 -11.15 -18.56
C LEU F 50 22.32 -10.45 -17.40
N ILE F 51 22.33 -11.08 -16.21
CA ILE F 51 21.59 -10.57 -15.06
C ILE F 51 22.14 -9.23 -14.57
N TYR F 52 23.47 -9.08 -14.55
CA TYR F 52 24.13 -7.99 -13.83
C TYR F 52 23.75 -6.62 -14.39
N GLU F 53 23.75 -6.49 -15.72
CA GLU F 53 23.37 -5.22 -16.34
C GLU F 53 21.89 -4.92 -16.10
N GLU F 54 21.05 -5.94 -16.09
CA GLU F 54 19.62 -5.76 -15.79
C GLU F 54 19.42 -5.30 -14.35
N THR F 55 20.16 -5.88 -13.41
CA THR F 55 20.09 -5.46 -12.02
C THR F 55 20.57 -4.03 -11.86
N ARG F 56 21.62 -3.67 -12.60
CA ARG F 56 22.08 -2.28 -12.63
C ARG F 56 20.97 -1.36 -13.13
N GLY F 57 20.26 -1.78 -14.18
CA GLY F 57 19.19 -0.96 -14.72
C GLY F 57 18.01 -0.81 -13.78
N VAL F 58 17.61 -1.91 -13.13
CA VAL F 58 16.43 -1.82 -12.26
C VAL F 58 16.78 -1.12 -10.95
N LEU F 59 18.04 -1.23 -10.52
CA LEU F 59 18.50 -0.44 -9.38
C LEU F 59 18.54 1.04 -9.75
N LYS F 60 18.95 1.34 -10.99
CA LYS F 60 18.88 2.70 -11.51
C LYS F 60 17.45 3.22 -11.51
N VAL F 61 16.49 2.37 -11.89
CA VAL F 61 15.08 2.76 -11.90
C VAL F 61 14.59 3.05 -10.48
N PHE F 62 14.91 2.17 -9.53
CA PHE F 62 14.48 2.37 -8.16
C PHE F 62 15.13 3.59 -7.54
N LEU F 63 16.42 3.82 -7.80
CA LEU F 63 17.06 5.03 -7.31
C LEU F 63 16.47 6.26 -7.96
N GLU F 64 16.05 6.17 -9.23
CA GLU F 64 15.37 7.29 -9.86
C GLU F 64 14.08 7.63 -9.14
N ASN F 65 13.27 6.60 -8.86
CA ASN F 65 11.99 6.80 -8.18
C ASN F 65 12.18 7.33 -6.77
N VAL F 66 13.20 6.84 -6.06
CA VAL F 66 13.42 7.29 -4.70
C VAL F 66 13.96 8.72 -4.67
N ILE F 67 14.97 8.99 -5.51
CA ILE F 67 15.64 10.29 -5.46
C ILE F 67 14.75 11.40 -5.99
N ARG F 68 13.84 11.14 -6.95
CA ARG F 68 12.93 12.21 -7.35
C ARG F 68 12.04 12.62 -6.19
N ASP F 69 11.56 11.62 -5.43
CA ASP F 69 10.77 11.89 -4.24
C ASP F 69 11.59 12.64 -3.19
N ALA F 70 12.82 12.18 -2.94
CA ALA F 70 13.65 12.74 -1.88
C ALA F 70 14.07 14.17 -2.20
N VAL F 71 14.45 14.42 -3.46
CA VAL F 71 14.79 15.76 -3.90
C VAL F 71 13.56 16.66 -3.88
N THR F 72 12.38 16.11 -4.18
CA THR F 72 11.15 16.89 -4.08
C THR F 72 10.88 17.30 -2.64
N TYR F 73 11.09 16.37 -1.70
CA TYR F 73 11.02 16.69 -0.28
C TYR F 73 12.04 17.76 0.11
N THR F 74 13.25 17.65 -0.41
CA THR F 74 14.32 18.58 -0.07
C THR F 74 14.02 19.98 -0.58
N GLU F 75 13.54 20.09 -1.83
CA GLU F 75 13.24 21.40 -2.39
C GLU F 75 11.98 21.99 -1.77
N HIS F 76 11.09 21.14 -1.23
CA HIS F 76 10.05 21.68 -0.38
C HIS F 76 10.62 22.24 0.91
N ALA F 77 11.65 21.60 1.46
CA ALA F 77 12.26 22.06 2.69
C ALA F 77 13.21 23.24 2.49
N LYS F 78 13.37 23.69 1.25
CA LYS F 78 14.30 24.76 0.87
C LYS F 78 15.75 24.42 1.24
N ARG F 79 16.09 23.13 1.23
CA ARG F 79 17.43 22.69 1.57
C ARG F 79 18.19 22.29 0.30
N LYS F 80 19.51 22.31 0.40
CA LYS F 80 20.38 21.87 -0.67
C LYS F 80 21.03 20.53 -0.34
N THR F 81 21.06 20.16 0.94
CA THR F 81 21.70 18.93 1.40
C THR F 81 20.64 17.87 1.65
N VAL F 82 20.79 16.72 0.99
CA VAL F 82 19.85 15.62 1.15
C VAL F 82 20.05 14.97 2.51
N THR F 83 18.96 14.79 3.25
CA THR F 83 18.98 14.20 4.58
C THR F 83 18.37 12.80 4.57
N ALA F 84 18.76 12.01 5.56
CA ALA F 84 18.24 10.65 5.69
C ALA F 84 16.79 10.64 6.13
N MET F 85 16.33 11.72 6.75
CA MET F 85 14.94 11.81 7.16
C MET F 85 14.02 11.79 5.95
N ASP F 86 14.38 12.53 4.91
CA ASP F 86 13.64 12.49 3.65
C ASP F 86 13.77 11.12 2.98
N VAL F 87 14.89 10.44 3.18
CA VAL F 87 15.03 9.06 2.70
C VAL F 87 13.99 8.16 3.35
N VAL F 88 13.83 8.26 4.67
CA VAL F 88 12.84 7.46 5.39
C VAL F 88 11.44 7.79 4.90
N TYR F 89 11.16 9.08 4.68
CA TYR F 89 9.84 9.51 4.27
C TYR F 89 9.51 9.08 2.84
N ALA F 90 10.50 9.14 1.94
CA ALA F 90 10.30 8.70 0.57
C ALA F 90 10.13 7.19 0.49
N LEU F 91 10.88 6.45 1.32
CA LEU F 91 10.74 5.00 1.34
C LEU F 91 9.39 4.57 1.91
N LYS F 92 8.91 5.27 2.95
CA LYS F 92 7.63 4.87 3.53
C LYS F 92 6.47 5.31 2.66
N ARG F 93 6.70 6.31 1.79
CA ARG F 93 5.65 6.69 0.84
C ARG F 93 5.39 5.58 -0.17
N GLN F 94 6.45 4.93 -0.67
CA GLN F 94 6.31 3.87 -1.66
C GLN F 94 5.88 2.53 -1.09
N GLY F 95 5.53 2.47 0.20
CA GLY F 95 5.23 1.18 0.79
C GLY F 95 6.45 0.33 1.07
N ARG F 96 7.61 0.95 1.22
CA ARG F 96 8.87 0.27 1.49
C ARG F 96 9.53 0.90 2.71
N THR F 97 8.75 1.02 3.79
CA THR F 97 9.17 1.70 5.01
C THR F 97 10.40 1.02 5.61
N LEU F 98 11.40 1.84 5.93
CA LEU F 98 12.69 1.35 6.42
C LEU F 98 12.85 1.76 7.87
N TYR F 99 13.01 0.78 8.75
CA TYR F 99 13.33 1.03 10.14
C TYR F 99 14.83 1.29 10.27
N GLY F 100 15.21 2.11 11.23
CA GLY F 100 16.61 2.29 11.56
C GLY F 100 17.20 3.66 11.27
N PHE F 101 16.43 4.62 10.76
CA PHE F 101 16.94 5.97 10.56
C PHE F 101 15.93 7.04 10.95
N GLY F 102 14.73 6.65 11.36
CA GLY F 102 13.74 7.62 11.80
C GLY F 102 14.08 8.20 13.16
N GLY F 103 13.54 9.38 13.42
CA GLY F 103 13.75 10.05 14.69
C GLY F 103 15.06 10.82 14.77
N ALA G 28 -24.27 48.58 -0.26
CA ALA G 28 -24.05 48.18 1.12
C ALA G 28 -23.19 46.92 1.19
N ARG G 29 -23.25 46.11 0.14
CA ARG G 29 -22.49 44.88 0.08
C ARG G 29 -22.05 44.63 -1.35
N ALA G 30 -20.85 44.06 -1.51
CA ALA G 30 -20.38 43.64 -2.82
C ALA G 30 -21.21 42.48 -3.35
N LYS G 31 -21.33 42.41 -4.66
CA LYS G 31 -22.07 41.32 -5.30
C LYS G 31 -21.32 40.01 -5.12
N ALA G 32 -22.06 38.95 -4.80
CA ALA G 32 -21.44 37.67 -4.50
C ALA G 32 -20.87 37.02 -5.76
N LYS G 33 -19.61 36.62 -5.68
CA LYS G 33 -18.89 36.06 -6.82
C LYS G 33 -18.23 34.76 -6.38
N THR G 34 -18.45 33.70 -7.16
CA THR G 34 -17.87 32.41 -6.81
C THR G 34 -16.37 32.41 -7.05
N ARG G 35 -15.64 31.76 -6.16
CA ARG G 35 -14.18 31.77 -6.22
C ARG G 35 -13.67 30.90 -7.35
N SER G 36 -14.44 29.89 -7.77
CA SER G 36 -14.05 29.09 -8.93
C SER G 36 -14.09 29.92 -10.20
N SER G 37 -15.08 30.80 -10.33
CA SER G 37 -15.13 31.70 -11.47
C SER G 37 -14.07 32.79 -11.36
N ARG G 38 -13.69 33.17 -10.14
CA ARG G 38 -12.56 34.07 -9.95
C ARG G 38 -11.27 33.43 -10.45
N ALA G 39 -11.08 32.14 -10.14
CA ALA G 39 -9.97 31.39 -10.68
C ALA G 39 -10.23 30.89 -12.10
N GLY G 40 -11.46 31.04 -12.60
CA GLY G 40 -11.79 30.53 -13.91
C GLY G 40 -11.91 29.03 -13.97
N LEU G 41 -12.34 28.39 -12.88
CA LEU G 41 -12.47 26.95 -12.83
C LEU G 41 -13.94 26.58 -12.68
N GLN G 42 -14.26 25.34 -13.04
CA GLN G 42 -15.57 24.77 -12.78
C GLN G 42 -15.61 24.00 -11.46
N PHE G 43 -14.51 23.33 -11.12
CA PHE G 43 -14.42 22.61 -9.87
C PHE G 43 -14.42 23.58 -8.68
N PRO G 44 -15.04 23.19 -7.56
CA PRO G 44 -15.34 24.15 -6.49
C PRO G 44 -14.09 24.50 -5.70
N VAL G 45 -13.79 25.80 -5.63
CA VAL G 45 -12.90 26.28 -4.58
C VAL G 45 -13.56 26.08 -3.22
N GLY G 46 -14.85 26.43 -3.11
CA GLY G 46 -15.50 26.46 -1.82
C GLY G 46 -15.73 25.09 -1.20
N ARG G 47 -16.31 24.17 -1.97
CA ARG G 47 -16.62 22.84 -1.44
C ARG G 47 -15.36 22.06 -1.10
N VAL G 48 -14.35 22.11 -1.97
CA VAL G 48 -13.09 21.41 -1.70
C VAL G 48 -12.35 22.07 -0.54
N HIS G 49 -12.42 23.40 -0.43
CA HIS G 49 -11.82 24.09 0.72
C HIS G 49 -12.48 23.69 2.02
N ARG G 50 -13.81 23.63 2.03
CA ARG G 50 -14.55 23.22 3.23
C ARG G 50 -14.26 21.77 3.58
N LEU G 51 -14.13 20.92 2.56
CA LEU G 51 -13.89 19.50 2.80
C LEU G 51 -12.48 19.26 3.31
N LEU G 52 -11.51 20.06 2.84
CA LEU G 52 -10.18 20.05 3.45
C LEU G 52 -10.21 20.54 4.89
N ARG G 53 -10.97 21.60 5.17
CA ARG G 53 -11.01 22.13 6.53
C ARG G 53 -11.70 21.17 7.48
N LYS G 54 -12.67 20.40 7.00
CA LYS G 54 -13.34 19.39 7.81
C LYS G 54 -12.78 17.99 7.61
N GLY G 55 -11.77 17.83 6.76
CA GLY G 55 -11.16 16.53 6.58
C GLY G 55 -10.01 16.24 7.52
N ASN G 56 -9.62 17.22 8.34
CA ASN G 56 -8.56 17.11 9.34
C ASN G 56 -7.23 16.67 8.73
N TYR G 57 -6.67 17.50 7.85
CA TYR G 57 -5.34 17.28 7.31
C TYR G 57 -4.34 18.29 7.84
N SER G 58 -4.84 19.44 8.29
CA SER G 58 -4.02 20.43 8.97
C SER G 58 -4.96 21.30 9.78
N GLU G 59 -4.38 22.20 10.57
CA GLU G 59 -5.22 23.18 11.25
C GLU G 59 -5.60 24.33 10.32
N ARG G 60 -4.68 24.71 9.42
CA ARG G 60 -4.84 25.84 8.52
C ARG G 60 -4.50 25.41 7.10
N VAL G 61 -5.06 26.13 6.12
CA VAL G 61 -4.85 25.88 4.70
C VAL G 61 -4.61 27.23 4.01
N GLY G 62 -3.57 27.32 3.19
CA GLY G 62 -3.34 28.52 2.42
C GLY G 62 -4.42 28.77 1.39
N ALA G 63 -4.52 30.03 0.97
CA ALA G 63 -5.61 30.44 0.07
C ALA G 63 -5.47 29.79 -1.31
N GLY G 64 -4.25 29.70 -1.83
CA GLY G 64 -4.07 29.12 -3.14
C GLY G 64 -4.15 27.62 -3.19
N ALA G 65 -4.11 26.95 -2.04
CA ALA G 65 -4.14 25.49 -2.01
C ALA G 65 -5.45 24.89 -2.53
N PRO G 66 -6.65 25.34 -2.12
CA PRO G 66 -7.86 24.74 -2.72
C PRO G 66 -8.03 25.08 -4.18
N VAL G 67 -7.57 26.27 -4.61
CA VAL G 67 -7.61 26.62 -6.03
C VAL G 67 -6.73 25.67 -6.82
N TYR G 68 -5.52 25.41 -6.32
CA TYR G 68 -4.62 24.46 -6.96
C TYR G 68 -5.21 23.06 -6.99
N LEU G 69 -5.80 22.63 -5.87
CA LEU G 69 -6.37 21.29 -5.81
C LEU G 69 -7.56 21.12 -6.74
N ALA G 70 -8.42 22.14 -6.81
CA ALA G 70 -9.56 22.09 -7.72
C ALA G 70 -9.09 22.11 -9.17
N ALA G 71 -8.03 22.86 -9.46
CA ALA G 71 -7.48 22.86 -10.82
C ALA G 71 -6.91 21.50 -11.18
N VAL G 72 -6.22 20.85 -10.24
CA VAL G 72 -5.66 19.53 -10.50
C VAL G 72 -6.77 18.51 -10.72
N LEU G 73 -7.81 18.55 -9.88
CA LEU G 73 -8.94 17.63 -10.04
C LEU G 73 -9.67 17.89 -11.35
N GLU G 74 -9.83 19.15 -11.73
CA GLU G 74 -10.49 19.46 -12.99
C GLU G 74 -9.65 19.00 -14.18
N TYR G 75 -8.33 19.11 -14.07
CA TYR G 75 -7.47 18.62 -15.15
C TYR G 75 -7.58 17.10 -15.29
N LEU G 76 -7.52 16.38 -14.17
CA LEU G 76 -7.63 14.92 -14.22
C LEU G 76 -8.98 14.48 -14.76
N THR G 77 -10.06 15.11 -14.29
CA THR G 77 -11.39 14.74 -14.77
C THR G 77 -11.58 15.13 -16.23
N ALA G 78 -10.99 16.25 -16.65
CA ALA G 78 -11.07 16.65 -18.05
C ALA G 78 -10.36 15.65 -18.94
N GLU G 79 -9.19 15.18 -18.52
CA GLU G 79 -8.46 14.17 -19.30
C GLU G 79 -9.24 12.87 -19.40
N ILE G 80 -9.76 12.39 -18.26
CA ILE G 80 -10.44 11.09 -18.31
C ILE G 80 -11.78 11.20 -19.02
N LEU G 81 -12.44 12.36 -18.95
CA LEU G 81 -13.70 12.51 -19.67
C LEU G 81 -13.47 12.72 -21.16
N GLU G 82 -12.35 13.35 -21.53
CA GLU G 82 -11.98 13.45 -22.94
C GLU G 82 -11.70 12.07 -23.52
N LEU G 83 -10.96 11.24 -22.77
CA LEU G 83 -10.70 9.88 -23.21
C LEU G 83 -11.98 9.05 -23.21
N ALA G 84 -12.90 9.33 -22.28
CA ALA G 84 -14.18 8.64 -22.26
C ALA G 84 -15.03 9.00 -23.47
N GLY G 85 -15.03 10.28 -23.86
CA GLY G 85 -15.74 10.68 -25.07
C GLY G 85 -15.12 10.08 -26.32
N ASN G 86 -13.79 9.97 -26.34
CA ASN G 86 -13.12 9.28 -27.44
C ASN G 86 -13.53 7.81 -27.50
N ALA G 87 -13.62 7.16 -26.35
CA ALA G 87 -14.04 5.76 -26.31
C ALA G 87 -15.49 5.60 -26.72
N ALA G 88 -16.35 6.53 -26.31
CA ALA G 88 -17.75 6.50 -26.67
C ALA G 88 -17.94 6.71 -28.16
N ARG G 89 -17.15 7.60 -28.76
CA ARG G 89 -17.16 7.75 -30.21
C ARG G 89 -16.65 6.49 -30.90
N ASP G 90 -15.64 5.84 -30.32
CA ASP G 90 -15.18 4.56 -30.84
C ASP G 90 -16.24 3.48 -30.67
N ASN G 91 -16.97 3.52 -29.56
CA ASN G 91 -18.05 2.56 -29.31
C ASN G 91 -19.35 2.95 -30.00
N LYS G 92 -19.37 4.08 -30.72
CA LYS G 92 -20.55 4.61 -31.41
C LYS G 92 -21.71 4.86 -30.45
N LYS G 93 -21.39 5.30 -29.24
CA LYS G 93 -22.37 5.63 -28.23
C LYS G 93 -22.22 7.08 -27.83
N THR G 94 -23.32 7.69 -27.38
CA THR G 94 -23.30 9.10 -27.00
C THR G 94 -23.02 9.31 -25.53
N ARG G 95 -23.47 8.41 -24.66
CA ARG G 95 -23.38 8.58 -23.22
C ARG G 95 -22.29 7.69 -22.67
N ILE G 96 -21.51 8.21 -21.72
CA ILE G 96 -20.37 7.48 -21.22
C ILE G 96 -20.83 6.41 -20.23
N ILE G 97 -20.20 5.23 -20.32
CA ILE G 97 -20.51 4.07 -19.51
C ILE G 97 -19.22 3.77 -18.74
N PRO G 98 -19.26 3.16 -17.55
CA PRO G 98 -18.01 2.79 -16.88
C PRO G 98 -17.13 1.81 -17.65
N ARG G 99 -17.68 1.08 -18.62
CA ARG G 99 -16.82 0.35 -19.55
C ARG G 99 -15.94 1.31 -20.35
N HIS G 100 -16.52 2.41 -20.83
CA HIS G 100 -15.74 3.43 -21.52
C HIS G 100 -14.72 4.06 -20.59
N LEU G 101 -15.04 4.18 -19.31
CA LEU G 101 -14.09 4.76 -18.36
C LEU G 101 -12.92 3.82 -18.09
N GLN G 102 -13.20 2.52 -17.96
CA GLN G 102 -12.14 1.53 -17.81
C GLN G 102 -11.25 1.47 -19.05
N LEU G 103 -11.87 1.56 -20.23
CA LEU G 103 -11.13 1.63 -21.47
C LEU G 103 -10.29 2.90 -21.54
N ALA G 104 -10.80 3.99 -20.98
CA ALA G 104 -10.06 5.24 -20.96
C ALA G 104 -8.86 5.17 -20.03
N ILE G 105 -9.04 4.58 -18.85
CA ILE G 105 -7.95 4.51 -17.88
C ILE G 105 -6.86 3.55 -18.37
N ARG G 106 -7.24 2.32 -18.73
CA ARG G 106 -6.23 1.30 -18.99
C ARG G 106 -5.49 1.53 -20.31
N ASN G 107 -6.03 2.36 -21.21
CA ASN G 107 -5.31 2.72 -22.41
C ASN G 107 -4.45 3.96 -22.24
N ASP G 108 -4.27 4.42 -21.00
CA ASP G 108 -3.29 5.46 -20.68
C ASP G 108 -2.36 4.90 -19.60
N GLU G 109 -1.05 4.91 -19.90
CA GLU G 109 -0.08 4.26 -19.02
C GLU G 109 0.09 5.02 -17.72
N GLU G 110 0.07 6.36 -17.78
CA GLU G 110 0.39 7.14 -16.59
C GLU G 110 -0.78 7.18 -15.62
N LEU G 111 -2.01 7.04 -16.12
CA LEU G 111 -3.15 6.86 -15.22
C LEU G 111 -3.11 5.49 -14.56
N ASN G 112 -2.63 4.47 -15.26
CA ASN G 112 -2.38 3.18 -14.62
C ASN G 112 -1.28 3.28 -13.57
N LYS G 113 -0.32 4.18 -13.78
CA LYS G 113 0.64 4.50 -12.73
C LYS G 113 -0.04 5.24 -11.58
N LEU G 114 -1.13 5.95 -11.89
CA LEU G 114 -1.89 6.61 -10.83
C LEU G 114 -2.92 5.67 -10.21
N LEU G 115 -3.65 4.93 -11.03
CA LEU G 115 -4.80 4.13 -10.58
C LEU G 115 -4.63 2.64 -10.88
N GLY G 116 -3.45 2.10 -10.60
CA GLY G 116 -3.24 0.67 -10.83
C GLY G 116 -3.91 -0.20 -9.79
N ARG G 117 -4.02 0.29 -8.56
CA ARG G 117 -4.52 -0.50 -7.45
C ARG G 117 -6.00 -0.27 -7.18
N VAL G 118 -6.68 0.50 -8.03
CA VAL G 118 -8.08 0.84 -7.83
C VAL G 118 -8.94 0.02 -8.79
N THR G 119 -9.94 -0.66 -8.25
CA THR G 119 -10.82 -1.54 -9.01
C THR G 119 -12.06 -0.78 -9.45
N ILE G 120 -12.64 -1.20 -10.56
CA ILE G 120 -13.65 -0.42 -11.29
C ILE G 120 -14.97 -1.19 -11.24
N ALA G 121 -16.08 -0.46 -11.14
CA ALA G 121 -17.39 -1.10 -11.24
C ALA G 121 -17.79 -1.24 -12.70
N GLN G 122 -18.20 -2.46 -13.07
CA GLN G 122 -18.77 -2.79 -14.38
C GLN G 122 -17.84 -2.47 -15.54
N GLY G 123 -16.54 -2.37 -15.26
CA GLY G 123 -15.58 -2.00 -16.28
C GLY G 123 -14.96 -3.19 -16.97
N GLY G 124 -14.90 -4.32 -16.26
CA GLY G 124 -14.24 -5.47 -16.84
C GLY G 124 -12.75 -5.29 -16.96
N VAL G 125 -12.19 -5.82 -18.05
CA VAL G 125 -10.76 -5.80 -18.27
C VAL G 125 -10.50 -5.17 -19.64
N LEU G 126 -9.35 -4.53 -19.77
CA LEU G 126 -8.88 -4.06 -21.06
C LEU G 126 -8.61 -5.27 -21.95
N PRO G 127 -8.87 -5.19 -23.26
CA PRO G 127 -8.54 -6.31 -24.15
C PRO G 127 -7.04 -6.57 -24.17
N ASN G 128 -6.63 -7.70 -23.60
CA ASN G 128 -5.21 -8.01 -23.50
C ASN G 128 -5.00 -9.53 -23.58
N ILE G 129 -4.75 -10.01 -24.78
CA ILE G 129 -4.43 -11.41 -25.02
C ILE G 129 -2.95 -11.52 -25.34
N GLN G 130 -2.23 -12.31 -24.55
CA GLN G 130 -0.78 -12.33 -24.64
C GLN G 130 -0.33 -13.07 -25.90
N ALA G 131 0.98 -12.97 -26.19
CA ALA G 131 1.53 -13.41 -27.47
C ALA G 131 1.41 -14.92 -27.68
N VAL G 132 1.69 -15.73 -26.65
CA VAL G 132 1.54 -17.17 -26.79
C VAL G 132 0.08 -17.57 -26.60
N LEU G 133 -0.74 -16.69 -26.02
CA LEU G 133 -2.15 -16.98 -25.84
C LEU G 133 -2.90 -16.99 -27.16
N LEU G 134 -2.50 -16.15 -28.10
CA LEU G 134 -3.11 -16.16 -29.42
C LEU G 134 -2.73 -17.45 -30.15
N PRO G 135 -3.62 -18.00 -30.97
CA PRO G 135 -3.29 -19.24 -31.69
C PRO G 135 -2.29 -19.01 -32.79
N LYS G 136 -1.78 -20.12 -33.33
CA LYS G 136 -0.78 -20.17 -34.42
C LYS G 136 0.48 -19.39 -34.08
N LYS H 31 -39.48 14.23 3.50
CA LYS H 31 -38.32 14.90 4.06
C LYS H 31 -37.09 14.00 4.02
N ARG H 32 -36.19 14.26 3.09
CA ARG H 32 -34.95 13.49 2.95
C ARG H 32 -33.78 14.39 3.30
N SER H 33 -32.61 13.76 3.38
CA SER H 33 -31.36 14.47 3.69
C SER H 33 -30.59 14.71 2.40
N ARG H 34 -30.03 15.91 2.27
CA ARG H 34 -29.27 16.26 1.06
C ARG H 34 -27.97 15.48 1.01
N LYS H 35 -27.67 14.91 -0.15
CA LYS H 35 -26.43 14.17 -0.39
C LYS H 35 -25.52 15.01 -1.26
N GLU H 36 -24.30 15.22 -0.79
CA GLU H 36 -23.35 16.05 -1.50
C GLU H 36 -22.58 15.22 -2.53
N SER H 37 -22.49 15.74 -3.75
CA SER H 37 -21.84 15.02 -4.84
C SER H 37 -21.23 16.04 -5.81
N TYR H 38 -20.62 15.52 -6.85
CA TYR H 38 -19.95 16.35 -7.86
C TYR H 38 -20.71 16.38 -9.18
N SER H 39 -22.04 16.35 -9.14
CA SER H 39 -22.83 16.00 -10.32
C SER H 39 -22.75 17.05 -11.42
N VAL H 40 -23.25 18.26 -11.14
CA VAL H 40 -23.31 19.28 -12.18
C VAL H 40 -21.92 19.77 -12.55
N TYR H 41 -20.94 19.63 -11.65
CA TYR H 41 -19.58 20.06 -11.94
C TYR H 41 -18.92 19.17 -12.98
N VAL H 42 -19.03 17.85 -12.78
CA VAL H 42 -18.52 16.89 -13.75
C VAL H 42 -19.30 17.00 -15.05
N TYR H 43 -20.61 17.26 -14.96
CA TYR H 43 -21.41 17.47 -16.16
C TYR H 43 -20.94 18.70 -16.94
N LYS H 44 -20.59 19.78 -16.23
CA LYS H 44 -20.10 20.99 -16.87
C LYS H 44 -18.78 20.75 -17.60
N VAL H 45 -17.81 20.12 -16.91
CA VAL H 45 -16.51 19.93 -17.57
C VAL H 45 -16.62 18.91 -18.69
N LEU H 46 -17.51 17.92 -18.55
CA LEU H 46 -17.76 16.97 -19.62
C LEU H 46 -18.35 17.66 -20.84
N LYS H 47 -19.29 18.58 -20.64
CA LYS H 47 -19.82 19.37 -21.75
C LYS H 47 -18.78 20.30 -22.35
N GLN H 48 -17.83 20.78 -21.55
CA GLN H 48 -16.77 21.61 -22.09
C GLN H 48 -15.80 20.81 -22.94
N VAL H 49 -15.50 19.56 -22.56
CA VAL H 49 -14.55 18.79 -23.35
C VAL H 49 -15.26 18.04 -24.47
N HIS H 50 -16.57 17.78 -24.31
CA HIS H 50 -17.35 17.08 -25.32
C HIS H 50 -18.78 17.59 -25.26
N PRO H 51 -19.15 18.52 -26.14
CA PRO H 51 -20.49 19.13 -26.05
C PRO H 51 -21.64 18.18 -26.34
N ASP H 52 -21.45 17.21 -27.22
CA ASP H 52 -22.56 16.41 -27.73
C ASP H 52 -22.77 15.10 -26.99
N THR H 53 -22.00 14.83 -25.94
CA THR H 53 -22.03 13.52 -25.30
C THR H 53 -22.96 13.52 -24.09
N GLY H 54 -23.28 12.32 -23.60
CA GLY H 54 -24.07 12.16 -22.41
C GLY H 54 -23.28 11.58 -21.25
N ILE H 55 -24.00 11.24 -20.20
CA ILE H 55 -23.41 10.70 -18.98
C ILE H 55 -24.41 9.75 -18.33
N SER H 56 -23.91 8.62 -17.84
CA SER H 56 -24.74 7.67 -17.12
C SER H 56 -24.54 7.81 -15.61
N SER H 57 -25.53 7.30 -14.86
CA SER H 57 -25.48 7.42 -13.40
C SER H 57 -24.38 6.54 -12.81
N LYS H 58 -24.14 5.37 -13.42
CA LYS H 58 -23.04 4.53 -12.97
C LYS H 58 -21.69 5.20 -13.20
N ALA H 59 -21.55 5.87 -14.36
CA ALA H 59 -20.34 6.65 -14.61
C ALA H 59 -20.22 7.82 -13.64
N MET H 60 -21.35 8.38 -13.19
CA MET H 60 -21.27 9.43 -12.21
C MET H 60 -20.85 8.91 -10.83
N GLY H 61 -21.29 7.71 -10.47
CA GLY H 61 -20.76 7.07 -9.28
C GLY H 61 -19.26 6.83 -9.38
N ILE H 62 -18.80 6.43 -10.57
CA ILE H 62 -17.37 6.26 -10.83
C ILE H 62 -16.63 7.58 -10.65
N MET H 63 -17.18 8.66 -11.19
CA MET H 63 -16.54 9.97 -11.09
C MET H 63 -16.53 10.50 -9.66
N ASN H 64 -17.61 10.28 -8.91
CA ASN H 64 -17.62 10.70 -7.52
C ASN H 64 -16.59 9.94 -6.70
N SER H 65 -16.49 8.63 -6.93
CA SER H 65 -15.48 7.83 -6.24
C SER H 65 -14.06 8.23 -6.66
N PHE H 66 -13.87 8.55 -7.94
CA PHE H 66 -12.56 8.97 -8.42
C PHE H 66 -12.13 10.28 -7.79
N VAL H 67 -13.03 11.29 -7.81
CA VAL H 67 -12.71 12.59 -7.26
C VAL H 67 -12.44 12.49 -5.77
N ASN H 68 -13.27 11.71 -5.05
CA ASN H 68 -13.07 11.53 -3.63
C ASN H 68 -11.74 10.84 -3.32
N ASP H 69 -11.40 9.81 -4.09
CA ASP H 69 -10.18 9.05 -3.82
C ASP H 69 -8.92 9.86 -4.14
N ILE H 70 -8.90 10.54 -5.28
CA ILE H 70 -7.73 11.34 -5.65
C ILE H 70 -7.58 12.54 -4.72
N PHE H 71 -8.70 13.15 -4.34
CA PHE H 71 -8.69 14.23 -3.36
C PHE H 71 -8.14 13.73 -2.03
N GLU H 72 -8.53 12.53 -1.61
CA GLU H 72 -8.06 11.99 -0.34
C GLU H 72 -6.58 11.66 -0.39
N ARG H 73 -6.10 11.11 -1.52
CA ARG H 73 -4.67 10.84 -1.67
C ARG H 73 -3.85 12.11 -1.59
N ILE H 74 -4.26 13.14 -2.33
CA ILE H 74 -3.51 14.39 -2.35
C ILE H 74 -3.56 15.06 -0.99
N ALA H 75 -4.72 15.05 -0.34
CA ALA H 75 -4.86 15.65 0.99
C ALA H 75 -4.03 14.91 2.03
N GLY H 76 -4.01 13.58 1.98
CA GLY H 76 -3.22 12.81 2.94
C GLY H 76 -1.73 13.02 2.77
N GLU H 77 -1.26 13.01 1.52
CA GLU H 77 0.16 13.25 1.30
C GLU H 77 0.54 14.69 1.60
N ALA H 78 -0.38 15.63 1.38
CA ALA H 78 -0.11 17.02 1.75
C ALA H 78 -0.04 17.17 3.26
N SER H 79 -0.91 16.46 3.99
CA SER H 79 -0.84 16.44 5.44
C SER H 79 0.47 15.85 5.93
N ARG H 80 0.93 14.78 5.28
CA ARG H 80 2.21 14.18 5.68
C ARG H 80 3.38 15.11 5.35
N LEU H 81 3.33 15.81 4.22
CA LEU H 81 4.35 16.82 3.90
C LEU H 81 4.37 17.93 4.93
N ALA H 82 3.20 18.39 5.37
CA ALA H 82 3.14 19.42 6.40
C ALA H 82 3.68 18.89 7.73
N HIS H 83 3.43 17.62 8.03
CA HIS H 83 3.90 17.05 9.28
C HIS H 83 5.42 16.86 9.30
N TYR H 84 5.99 16.41 8.18
CA TYR H 84 7.43 16.16 8.12
C TYR H 84 8.24 17.43 8.27
N ASN H 85 7.82 18.52 7.65
CA ASN H 85 8.57 19.76 7.68
C ASN H 85 8.10 20.70 8.76
N LYS H 86 7.33 20.18 9.74
CA LYS H 86 6.86 20.92 10.91
C LYS H 86 6.00 22.12 10.53
N ARG H 87 5.37 22.07 9.36
CA ARG H 87 4.53 23.14 8.88
C ARG H 87 3.09 22.88 9.29
N SER H 88 2.48 23.86 9.97
CA SER H 88 1.13 23.67 10.48
C SER H 88 0.06 24.02 9.46
N THR H 89 0.43 24.45 8.26
CA THR H 89 -0.54 24.90 7.26
C THR H 89 -0.34 24.16 5.95
N ILE H 90 -1.42 24.09 5.17
CA ILE H 90 -1.41 23.53 3.82
C ILE H 90 -1.22 24.67 2.85
N THR H 91 -0.16 24.61 2.05
CA THR H 91 0.14 25.68 1.10
C THR H 91 0.04 25.16 -0.33
N SER H 92 -0.02 26.11 -1.27
CA SER H 92 0.00 25.74 -2.68
C SER H 92 1.34 25.18 -3.11
N ARG H 93 2.42 25.61 -2.45
CA ARG H 93 3.75 25.10 -2.76
C ARG H 93 3.86 23.62 -2.39
N GLU H 94 3.38 23.24 -1.21
CA GLU H 94 3.52 21.85 -0.79
C GLU H 94 2.51 20.96 -1.50
N ILE H 95 1.37 21.50 -1.91
CA ILE H 95 0.46 20.67 -2.68
C ILE H 95 0.99 20.51 -4.11
N GLN H 96 1.76 21.51 -4.58
CA GLN H 96 2.49 21.35 -5.84
C GLN H 96 3.55 20.28 -5.71
N THR H 97 4.22 20.25 -4.56
CA THR H 97 5.11 19.14 -4.21
C THR H 97 4.37 17.80 -4.23
N ALA H 98 3.15 17.77 -3.70
CA ALA H 98 2.34 16.55 -3.72
C ALA H 98 1.96 16.16 -5.15
N VAL H 99 1.73 17.14 -6.01
CA VAL H 99 1.46 16.85 -7.42
C VAL H 99 2.69 16.24 -8.08
N ARG H 100 3.88 16.75 -7.75
CA ARG H 100 5.10 16.11 -8.23
C ARG H 100 5.24 14.69 -7.72
N LEU H 101 4.82 14.46 -6.47
CA LEU H 101 4.99 13.14 -5.87
C LEU H 101 4.01 12.12 -6.44
N LEU H 102 2.71 12.43 -6.39
CA LEU H 102 1.69 11.44 -6.72
C LEU H 102 1.53 11.29 -8.23
N LEU H 103 1.27 12.39 -8.92
CA LEU H 103 1.01 12.34 -10.35
C LEU H 103 2.33 12.10 -11.09
N PRO H 104 2.41 11.05 -11.90
CA PRO H 104 3.69 10.73 -12.56
C PRO H 104 3.83 11.45 -13.88
N GLY H 105 5.08 11.78 -14.24
CA GLY H 105 5.44 12.21 -15.58
C GLY H 105 4.77 13.46 -16.10
N GLU H 106 4.18 13.35 -17.30
CA GLU H 106 3.64 14.54 -17.96
C GLU H 106 2.38 15.04 -17.27
N LEU H 107 1.63 14.17 -16.59
CA LEU H 107 0.48 14.61 -15.82
C LEU H 107 0.90 15.57 -14.70
N ALA H 108 2.08 15.31 -14.11
CA ALA H 108 2.59 16.19 -13.07
C ALA H 108 2.83 17.60 -13.58
N LYS H 109 3.58 17.73 -14.69
CA LYS H 109 3.93 19.06 -15.18
C LYS H 109 2.73 19.76 -15.81
N HIS H 110 1.81 19.01 -16.42
CA HIS H 110 0.58 19.63 -16.90
C HIS H 110 -0.29 20.12 -15.76
N ALA H 111 -0.39 19.36 -14.67
CA ALA H 111 -1.15 19.83 -13.51
C ALA H 111 -0.46 21.00 -12.85
N VAL H 112 0.88 21.04 -12.91
CA VAL H 112 1.61 22.20 -12.40
C VAL H 112 1.30 23.43 -13.23
N SER H 113 1.29 23.29 -14.56
CA SER H 113 0.92 24.41 -15.42
C SER H 113 -0.50 24.88 -15.15
N GLU H 114 -1.43 23.92 -15.00
CA GLU H 114 -2.82 24.26 -14.70
C GLU H 114 -2.94 24.97 -13.37
N GLY H 115 -2.27 24.47 -12.34
CA GLY H 115 -2.37 25.07 -11.02
C GLY H 115 -1.73 26.44 -10.94
N THR H 116 -0.56 26.62 -11.57
CA THR H 116 0.08 27.93 -11.59
C THR H 116 -0.75 28.95 -12.37
N LYS H 117 -1.31 28.54 -13.51
CA LYS H 117 -2.19 29.43 -14.26
C LYS H 117 -3.43 29.78 -13.44
N ALA H 118 -3.98 28.79 -12.73
CA ALA H 118 -5.19 29.01 -11.94
C ALA H 118 -4.93 29.96 -10.79
N VAL H 119 -3.84 29.76 -10.05
CA VAL H 119 -3.55 30.65 -8.93
C VAL H 119 -3.12 32.02 -9.44
N THR H 120 -2.57 32.08 -10.66
CA THR H 120 -2.24 33.37 -11.25
C THR H 120 -3.48 34.20 -11.53
N LYS H 121 -4.47 33.61 -12.23
CA LYS H 121 -5.67 34.38 -12.55
C LYS H 121 -6.60 34.49 -11.34
N TYR H 122 -6.37 33.66 -10.30
CA TYR H 122 -7.08 33.87 -9.04
C TYR H 122 -6.48 35.04 -8.27
N THR H 123 -5.15 35.17 -8.28
CA THR H 123 -4.50 36.27 -7.59
C THR H 123 -4.78 37.59 -8.29
N SER H 124 -4.81 37.58 -9.63
CA SER H 124 -5.17 38.78 -10.37
C SER H 124 -6.62 39.19 -10.20
N ALA H 125 -7.48 38.27 -9.76
CA ALA H 125 -8.88 38.58 -9.51
C ALA H 125 -9.09 39.01 -8.06
#